data_3ZO9
#
_entry.id   3ZO9
#
_cell.length_a   127.550
_cell.length_b   127.550
_cell.length_c   217.760
_cell.angle_alpha   90.00
_cell.angle_beta   90.00
_cell.angle_gamma   90.00
#
_symmetry.space_group_name_H-M   'I 41'
#
loop_
_entity.id
_entity.type
_entity.pdbx_description
1 polymer 'TREHALOSE SYNTHASE/AMYLASE TRES'
2 non-polymer 'CHLORIDE ION'
3 non-polymer 'CALCIUM ION'
4 non-polymer 'MAGNESIUM ION'
5 water water
#
_entity_poly.entity_id   1
_entity_poly.type   'polypeptide(L)'
_entity_poly.pdbx_seq_one_letter_code
;MEEHTQGSHVEAGIVEHPNAEDFGHARTLPTDTNWFKHAVFYEVLVRAFYDSNADGIGDLRGLTEKLDYIKWLGVDCLWL
PPFYDSPLRDGGYDIRDFYKVLPEFGTVDDFVTLLDAAHRRGIRIITDLVMNHTSDQHEWFQESRHNPDGPYGDFYVWSD
TSDRYPDARIIFVDTEESNWTFDPVRRQFYWHRFFSHQPDLNYDNPAVQEAMLDVLRFWLDLGIDGFRLDAVPYLFEREG
TNCENLPETHAFLKRCRKAIDDEYPGRVLLAEANQWPADVVAYFGDPDTGGDECHMAFHFPLMPRIFMAVRRESRFPISE
ILAQTPPIPDTAQWGIFLRNHDELTLEMVTDEERDYMYAEYAKDPRMKANVGIRRRLAPLLENDRNQIELFTALLLSLPG
SPVLYYGDEIGMGDIIWLGDRDSVRTPMQWTPDRNAGFSKATPGRLYLPPNQDAVYGYHSVNVEAQLDSSSSLLNWTRNM
LAVRSRHDAFAVGTFRELGGSNPSVLAYIREVTRQQGDGGAKTDAVLCVNNLSRFPQPIELNLQQWAGYIPVEMTGYVEF
PSIGQLPYLLTLPGHGFYWFQLREPDPEPGAQQ
;
_entity_poly.pdbx_strand_id   A,B
#
# COMPACT_ATOMS: atom_id res chain seq x y z
N LEU A 29 -28.77 21.36 -21.81
CA LEU A 29 -28.98 21.46 -20.37
C LEU A 29 -29.50 22.84 -19.96
N PRO A 30 -30.43 22.87 -18.99
CA PRO A 30 -30.95 24.14 -18.45
C PRO A 30 -29.79 25.04 -18.04
N THR A 31 -29.87 26.32 -18.39
CA THR A 31 -28.75 27.24 -18.12
C THR A 31 -28.52 27.44 -16.62
N ASP A 32 -27.24 27.41 -16.25
CA ASP A 32 -26.80 27.47 -14.85
C ASP A 32 -25.41 28.11 -14.84
N THR A 33 -25.38 29.44 -14.79
CA THR A 33 -24.17 30.23 -15.01
C THR A 33 -23.03 30.00 -14.02
N ASN A 34 -23.23 29.13 -13.05
CA ASN A 34 -22.18 28.83 -12.09
C ASN A 34 -21.76 27.37 -12.06
N TRP A 35 -22.22 26.58 -13.04
CA TRP A 35 -21.97 25.13 -13.03
C TRP A 35 -20.49 24.82 -12.99
N PHE A 36 -19.69 25.65 -13.66
CA PHE A 36 -18.26 25.37 -13.76
C PHE A 36 -17.52 25.56 -12.43
N LYS A 37 -18.11 26.33 -11.52
CA LYS A 37 -17.49 26.52 -10.20
C LYS A 37 -17.70 25.31 -9.32
N HIS A 38 -18.74 24.53 -9.61
CA HIS A 38 -19.09 23.35 -8.82
C HIS A 38 -18.65 22.05 -9.48
N ALA A 39 -18.10 22.16 -10.69
CA ALA A 39 -17.76 20.97 -11.48
C ALA A 39 -16.42 20.32 -11.07
N VAL A 40 -16.38 18.99 -11.15
CA VAL A 40 -15.10 18.28 -11.24
C VAL A 40 -14.97 17.85 -12.68
N PHE A 41 -13.86 18.24 -13.32
CA PHE A 41 -13.63 17.92 -14.73
C PHE A 41 -12.83 16.62 -14.86
N TYR A 42 -12.95 15.95 -16.01
CA TYR A 42 -12.24 14.69 -16.27
C TYR A 42 -11.66 14.82 -17.66
N GLU A 43 -10.34 14.96 -17.74
CA GLU A 43 -9.68 15.07 -19.03
C GLU A 43 -9.52 13.67 -19.60
N VAL A 44 -10.13 13.44 -20.76
CA VAL A 44 -10.14 12.12 -21.38
C VAL A 44 -9.92 12.27 -22.87
N LEU A 45 -8.96 11.52 -23.41
CA LEU A 45 -8.65 11.58 -24.83
C LEU A 45 -9.54 10.61 -25.58
N VAL A 46 -10.21 11.09 -26.62
CA VAL A 46 -11.01 10.22 -27.47
C VAL A 46 -10.22 9.00 -27.94
N ARG A 47 -8.98 9.21 -28.38
CA ARG A 47 -8.21 8.11 -28.94
C ARG A 47 -7.91 7.00 -27.91
N ALA A 48 -7.96 7.34 -26.63
CA ALA A 48 -7.45 6.44 -25.58
C ALA A 48 -8.51 5.71 -24.79
N PHE A 49 -9.76 6.15 -24.86
CA PHE A 49 -10.69 5.66 -23.87
C PHE A 49 -11.29 4.30 -24.22
N TYR A 50 -11.94 4.21 -25.38
CA TYR A 50 -12.53 2.93 -25.76
C TYR A 50 -12.71 2.82 -27.27
N ASP A 51 -12.17 1.74 -27.85
CA ASP A 51 -12.28 1.47 -29.28
C ASP A 51 -13.47 0.57 -29.56
N SER A 52 -14.58 1.15 -30.02
CA SER A 52 -15.79 0.36 -30.25
C SER A 52 -15.81 -0.33 -31.60
N ASN A 53 -14.93 0.05 -32.52
CA ASN A 53 -15.00 -0.47 -33.88
C ASN A 53 -13.83 -1.34 -34.32
N ALA A 54 -13.01 -1.75 -33.34
CA ALA A 54 -11.92 -2.68 -33.56
C ALA A 54 -10.92 -2.27 -34.63
N ASP A 55 -10.66 -0.97 -34.76
CA ASP A 55 -9.57 -0.50 -35.62
C ASP A 55 -8.32 -0.16 -34.81
N GLY A 56 -8.40 -0.34 -33.49
CA GLY A 56 -7.25 -0.13 -32.62
C GLY A 56 -7.16 1.28 -32.09
N ILE A 57 -8.14 2.10 -32.41
CA ILE A 57 -8.12 3.50 -32.02
C ILE A 57 -9.41 3.88 -31.31
N GLY A 58 -9.29 4.58 -30.19
CA GLY A 58 -10.48 5.00 -29.43
C GLY A 58 -11.34 5.89 -30.31
N ASP A 59 -12.65 5.89 -30.07
CA ASP A 59 -13.56 6.65 -30.93
C ASP A 59 -14.73 7.26 -30.15
N LEU A 60 -15.49 8.13 -30.81
CA LEU A 60 -16.57 8.85 -30.12
C LEU A 60 -17.67 7.90 -29.67
N ARG A 61 -18.03 6.95 -30.53
CA ARG A 61 -19.01 5.94 -30.13
C ARG A 61 -18.53 5.15 -28.91
N GLY A 62 -17.24 4.85 -28.87
CA GLY A 62 -16.67 4.12 -27.73
C GLY A 62 -16.76 4.92 -26.45
N LEU A 63 -16.42 6.20 -26.54
CA LEU A 63 -16.52 7.08 -25.38
C LEU A 63 -17.98 7.15 -24.90
N THR A 64 -18.91 7.21 -25.84
CA THR A 64 -20.34 7.22 -25.52
C THR A 64 -20.75 5.97 -24.75
N GLU A 65 -20.20 4.82 -25.15
CA GLU A 65 -20.53 3.55 -24.51
C GLU A 65 -19.96 3.43 -23.10
N LYS A 66 -19.00 4.30 -22.76
CA LYS A 66 -18.41 4.26 -21.41
C LYS A 66 -18.92 5.38 -20.51
N LEU A 67 -20.00 6.06 -20.90
CA LEU A 67 -20.52 7.15 -20.08
C LEU A 67 -21.08 6.67 -18.74
N ASP A 68 -21.58 5.44 -18.69
CA ASP A 68 -22.08 4.94 -17.40
C ASP A 68 -20.97 4.89 -16.36
N TYR A 69 -19.75 4.53 -16.78
CA TYR A 69 -18.59 4.53 -15.89
C TYR A 69 -18.27 5.95 -15.42
N ILE A 70 -18.32 6.88 -16.34
CA ILE A 70 -17.97 8.26 -16.01
C ILE A 70 -19.00 8.84 -15.03
N LYS A 71 -20.27 8.55 -15.26
CA LYS A 71 -21.33 8.95 -14.33
C LYS A 71 -21.14 8.33 -12.95
N TRP A 72 -20.82 7.04 -12.94
CA TRP A 72 -20.63 6.31 -11.69
C TRP A 72 -19.44 6.88 -10.90
N LEU A 73 -18.39 7.25 -11.60
CA LEU A 73 -17.21 7.82 -10.95
C LEU A 73 -17.58 9.13 -10.24
N GLY A 74 -18.45 9.91 -10.88
CA GLY A 74 -19.03 11.06 -10.23
C GLY A 74 -18.50 12.38 -10.73
N VAL A 75 -17.90 12.38 -11.91
CA VAL A 75 -17.41 13.63 -12.48
C VAL A 75 -18.53 14.37 -13.22
N ASP A 76 -18.33 15.66 -13.44
CA ASP A 76 -19.41 16.53 -13.89
C ASP A 76 -19.27 17.01 -15.33
N CYS A 77 -18.05 17.01 -15.85
CA CYS A 77 -17.79 17.54 -17.18
C CYS A 77 -16.57 16.87 -17.78
N LEU A 78 -16.71 16.38 -19.01
CA LEU A 78 -15.57 15.86 -19.75
C LEU A 78 -14.81 17.01 -20.37
N TRP A 79 -13.49 16.89 -20.39
CA TRP A 79 -12.61 17.79 -21.14
C TRP A 79 -11.88 16.92 -22.17
N LEU A 80 -12.22 17.14 -23.45
CA LEU A 80 -11.61 16.42 -24.56
C LEU A 80 -10.52 17.28 -25.20
N PRO A 81 -9.28 16.77 -25.24
CA PRO A 81 -8.23 17.40 -26.05
C PRO A 81 -8.62 17.36 -27.54
N PRO A 82 -7.92 18.11 -28.40
CA PRO A 82 -8.38 18.32 -29.78
C PRO A 82 -8.72 17.02 -30.50
N PHE A 83 -9.91 16.97 -31.08
CA PHE A 83 -10.33 15.80 -31.84
C PHE A 83 -10.65 16.16 -33.29
N TYR A 84 -10.18 17.34 -33.73
CA TYR A 84 -10.38 17.80 -35.10
C TYR A 84 -9.51 17.08 -36.10
N ASP A 85 -9.90 17.15 -37.38
CA ASP A 85 -9.08 16.62 -38.46
C ASP A 85 -7.69 17.26 -38.39
N SER A 86 -6.65 16.45 -38.58
CA SER A 86 -5.26 16.85 -38.28
C SER A 86 -4.30 15.80 -38.80
N PRO A 87 -3.10 16.22 -39.28
CA PRO A 87 -2.10 15.20 -39.66
C PRO A 87 -1.38 14.60 -38.44
N LEU A 88 -1.72 15.11 -37.26
CA LEU A 88 -1.18 14.58 -35.99
C LEU A 88 0.35 14.63 -35.90
N ARG A 89 0.95 15.72 -36.38
CA ARG A 89 2.41 15.88 -36.24
C ARG A 89 2.78 16.49 -34.89
N ASP A 90 1.84 17.20 -34.28
CA ASP A 90 2.06 17.72 -32.92
C ASP A 90 0.86 17.37 -32.06
N GLY A 91 0.54 16.08 -32.03
CA GLY A 91 -0.47 15.56 -31.12
C GLY A 91 -1.89 16.00 -31.39
N GLY A 92 -2.15 16.57 -32.56
CA GLY A 92 -3.49 17.06 -32.86
C GLY A 92 -3.68 18.52 -32.48
N TYR A 93 -2.64 19.14 -31.94
CA TYR A 93 -2.68 20.58 -31.72
C TYR A 93 -2.35 21.30 -33.04
N ASP A 94 -2.09 20.53 -34.09
CA ASP A 94 -1.90 21.05 -35.45
C ASP A 94 -3.15 20.76 -36.28
N ILE A 95 -4.07 21.73 -36.34
CA ILE A 95 -5.41 21.47 -36.87
C ILE A 95 -5.52 21.73 -38.38
N ARG A 96 -6.06 20.74 -39.10
CA ARG A 96 -6.23 20.83 -40.56
C ARG A 96 -7.62 21.35 -40.96
N ASP A 97 -8.62 21.09 -40.12
CA ASP A 97 -9.99 21.55 -40.40
C ASP A 97 -10.77 21.67 -39.10
N PHE A 98 -11.17 22.89 -38.75
CA PHE A 98 -11.83 23.14 -37.47
C PHE A 98 -13.24 22.60 -37.48
N TYR A 99 -13.76 22.30 -38.67
CA TYR A 99 -15.16 21.94 -38.79
C TYR A 99 -15.41 20.45 -38.91
N LYS A 100 -14.34 19.66 -38.84
CA LYS A 100 -14.42 18.23 -39.13
C LYS A 100 -13.77 17.42 -38.01
N VAL A 101 -14.44 16.34 -37.60
CA VAL A 101 -13.89 15.40 -36.62
C VAL A 101 -12.85 14.56 -37.35
N LEU A 102 -11.74 14.24 -36.68
CA LEU A 102 -10.75 13.33 -37.25
C LEU A 102 -11.49 12.04 -37.65
N PRO A 103 -11.35 11.61 -38.91
CA PRO A 103 -12.21 10.52 -39.40
C PRO A 103 -12.17 9.25 -38.56
N GLU A 104 -11.00 8.91 -38.01
CA GLU A 104 -10.93 7.67 -37.23
C GLU A 104 -11.71 7.74 -35.92
N PHE A 105 -12.10 8.95 -35.49
CA PHE A 105 -12.95 9.11 -34.32
C PHE A 105 -14.45 9.04 -34.62
N GLY A 106 -14.82 9.29 -35.87
CA GLY A 106 -16.23 9.34 -36.25
C GLY A 106 -16.52 10.63 -36.99
N THR A 107 -17.76 11.09 -36.94
CA THR A 107 -18.14 12.34 -37.61
C THR A 107 -18.83 13.27 -36.63
N VAL A 108 -19.21 14.46 -37.10
CA VAL A 108 -19.96 15.38 -36.26
C VAL A 108 -21.24 14.74 -35.68
N ASP A 109 -21.85 13.80 -36.42
CA ASP A 109 -23.05 13.15 -35.92
C ASP A 109 -22.78 12.27 -34.69
N ASP A 110 -21.65 11.56 -34.70
CA ASP A 110 -21.21 10.82 -33.52
C ASP A 110 -20.92 11.76 -32.35
N PHE A 111 -20.44 12.96 -32.65
CA PHE A 111 -20.17 13.90 -31.58
C PHE A 111 -21.48 14.36 -30.93
N VAL A 112 -22.49 14.66 -31.75
CA VAL A 112 -23.78 15.04 -31.19
C VAL A 112 -24.41 13.91 -30.38
N THR A 113 -24.23 12.67 -30.82
CA THR A 113 -24.70 11.50 -30.08
C THR A 113 -24.05 11.46 -28.70
N LEU A 114 -22.74 11.71 -28.67
CA LEU A 114 -21.98 11.74 -27.42
C LEU A 114 -22.52 12.85 -26.51
N LEU A 115 -22.65 14.06 -27.09
CA LEU A 115 -23.18 15.21 -26.35
C LEU A 115 -24.53 14.94 -25.71
N ASP A 116 -25.45 14.38 -26.49
CA ASP A 116 -26.80 14.10 -25.99
C ASP A 116 -26.81 13.05 -24.90
N ALA A 117 -26.02 12.00 -25.09
CA ALA A 117 -25.90 10.94 -24.09
C ALA A 117 -25.28 11.46 -22.78
N ALA A 118 -24.32 12.37 -22.88
CA ALA A 118 -23.71 12.94 -21.69
C ALA A 118 -24.71 13.84 -20.96
N HIS A 119 -25.38 14.70 -21.72
CA HIS A 119 -26.35 15.63 -21.14
C HIS A 119 -27.49 14.90 -20.45
N ARG A 120 -27.88 13.77 -21.02
CA ARG A 120 -28.94 12.92 -20.45
C ARG A 120 -28.54 12.45 -19.06
N ARG A 121 -27.24 12.33 -18.82
CA ARG A 121 -26.71 11.89 -17.53
C ARG A 121 -26.26 13.07 -16.67
N GLY A 122 -26.51 14.27 -17.14
CA GLY A 122 -26.12 15.46 -16.39
C GLY A 122 -24.64 15.80 -16.49
N ILE A 123 -23.96 15.20 -17.47
CA ILE A 123 -22.54 15.47 -17.69
C ILE A 123 -22.36 16.46 -18.84
N ARG A 124 -21.52 17.46 -18.66
CA ARG A 124 -21.22 18.41 -19.72
C ARG A 124 -19.93 18.03 -20.46
N ILE A 125 -19.67 18.71 -21.57
CA ILE A 125 -18.46 18.46 -22.34
C ILE A 125 -17.81 19.76 -22.80
N ILE A 126 -16.52 19.93 -22.52
CA ILE A 126 -15.76 21.02 -23.12
C ILE A 126 -14.64 20.43 -23.95
N THR A 127 -14.06 21.23 -24.85
CA THR A 127 -12.94 20.74 -25.66
C THR A 127 -11.86 21.79 -25.85
N ASP A 128 -10.64 21.33 -26.14
CA ASP A 128 -9.54 22.24 -26.48
C ASP A 128 -9.78 22.83 -27.85
N LEU A 129 -9.55 24.12 -27.99
CA LEU A 129 -9.56 24.76 -29.31
C LEU A 129 -8.31 25.63 -29.47
N VAL A 130 -7.45 25.27 -30.42
CA VAL A 130 -6.23 26.03 -30.64
C VAL A 130 -6.56 27.27 -31.48
N MET A 131 -6.36 28.45 -30.90
CA MET A 131 -6.75 29.71 -31.54
C MET A 131 -5.61 30.38 -32.32
N ASN A 132 -4.38 30.13 -31.90
CA ASN A 132 -3.23 30.87 -32.42
C ASN A 132 -2.77 30.46 -33.83
N HIS A 133 -3.02 29.21 -34.21
CA HIS A 133 -2.39 28.67 -35.40
C HIS A 133 -3.14 27.44 -35.94
N THR A 134 -2.85 27.10 -37.19
CA THR A 134 -3.40 25.90 -37.81
C THR A 134 -2.24 25.05 -38.29
N SER A 135 -2.54 23.83 -38.73
CA SER A 135 -1.54 23.05 -39.46
C SER A 135 -1.23 23.73 -40.79
N ASP A 136 -0.04 23.50 -41.32
CA ASP A 136 0.26 23.96 -42.67
C ASP A 136 -0.51 23.19 -43.75
N GLN A 137 -1.23 22.14 -43.33
CA GLN A 137 -2.07 21.37 -44.25
CA GLN A 137 -2.05 21.41 -44.31
C GLN A 137 -3.48 21.95 -44.35
N HIS A 138 -3.77 22.94 -43.51
CA HIS A 138 -5.08 23.59 -43.51
C HIS A 138 -5.28 24.25 -44.89
N GLU A 139 -6.48 24.15 -45.44
CA GLU A 139 -6.72 24.71 -46.75
C GLU A 139 -6.51 26.22 -46.83
N TRP A 140 -6.74 26.92 -45.72
CA TRP A 140 -6.45 28.35 -45.65
C TRP A 140 -4.97 28.63 -45.93
N PHE A 141 -4.07 27.84 -45.34
CA PHE A 141 -2.66 28.10 -45.52
C PHE A 141 -2.20 27.74 -46.92
N GLN A 142 -2.71 26.63 -47.44
CA GLN A 142 -2.34 26.24 -48.79
C GLN A 142 -2.83 27.29 -49.81
N GLU A 143 -3.99 27.90 -49.56
CA GLU A 143 -4.43 28.99 -50.44
C GLU A 143 -3.59 30.25 -50.22
N SER A 144 -3.19 30.51 -48.98
CA SER A 144 -2.39 31.68 -48.65
C SER A 144 -1.06 31.65 -49.39
N ARG A 145 -0.45 30.48 -49.47
CA ARG A 145 0.87 30.39 -50.08
C ARG A 145 0.80 30.29 -51.60
N HIS A 146 -0.22 29.62 -52.12
CA HIS A 146 -0.36 29.41 -53.56
C HIS A 146 -1.04 30.60 -54.26
N ASN A 147 -1.87 31.34 -53.51
CA ASN A 147 -2.66 32.43 -54.11
C ASN A 147 -2.64 33.68 -53.23
N PRO A 148 -1.47 34.34 -53.15
CA PRO A 148 -1.24 35.46 -52.23
C PRO A 148 -2.20 36.63 -52.46
N ASP A 149 -2.61 36.84 -53.71
CA ASP A 149 -3.53 37.91 -54.04
C ASP A 149 -4.99 37.54 -53.80
N GLY A 150 -5.22 36.26 -53.48
CA GLY A 150 -6.55 35.78 -53.16
C GLY A 150 -7.01 36.09 -51.75
N PRO A 151 -8.25 35.68 -51.42
CA PRO A 151 -8.92 35.97 -50.15
C PRO A 151 -8.21 35.43 -48.92
N TYR A 152 -7.31 34.46 -49.10
CA TYR A 152 -6.57 33.90 -47.96
C TYR A 152 -5.15 34.42 -47.90
N GLY A 153 -4.81 35.33 -48.81
CA GLY A 153 -3.44 35.83 -48.89
C GLY A 153 -2.95 36.44 -47.59
N ASP A 154 -3.84 37.10 -46.86
CA ASP A 154 -3.47 37.74 -45.60
C ASP A 154 -4.02 37.01 -44.37
N PHE A 155 -4.26 35.71 -44.50
CA PHE A 155 -4.80 34.95 -43.37
C PHE A 155 -3.69 34.53 -42.41
N TYR A 156 -2.46 34.62 -42.89
CA TYR A 156 -1.28 34.28 -42.10
C TYR A 156 -0.33 35.46 -42.15
N VAL A 157 0.75 35.38 -41.39
CA VAL A 157 1.68 36.50 -41.21
C VAL A 157 2.91 36.30 -42.08
N TRP A 158 3.00 37.06 -43.17
CA TRP A 158 4.03 36.89 -44.18
C TRP A 158 4.99 38.10 -44.22
N SER A 159 6.23 37.83 -44.61
CA SER A 159 7.28 38.86 -44.65
C SER A 159 8.39 38.53 -45.64
N ASP A 160 8.95 39.56 -46.28
CA ASP A 160 10.11 39.36 -47.14
C ASP A 160 11.38 39.05 -46.33
N THR A 161 11.36 39.34 -45.02
CA THR A 161 12.54 39.15 -44.18
C THR A 161 12.18 38.31 -42.96
N SER A 162 13.21 37.83 -42.25
CA SER A 162 13.00 37.14 -40.99
C SER A 162 13.38 38.02 -39.79
N ASP A 163 13.31 39.35 -39.98
CA ASP A 163 13.79 40.32 -39.00
C ASP A 163 12.74 40.85 -38.03
N ARG A 164 11.47 40.76 -38.40
CA ARG A 164 10.42 41.33 -37.55
C ARG A 164 10.30 40.59 -36.22
N TYR A 165 9.81 41.29 -35.20
CA TYR A 165 9.53 40.72 -33.88
C TYR A 165 10.74 40.02 -33.22
N PRO A 166 11.91 40.67 -33.21
CA PRO A 166 13.10 39.93 -32.73
C PRO A 166 13.11 39.67 -31.22
N ASP A 167 12.26 40.37 -30.47
CA ASP A 167 12.23 40.19 -29.01
C ASP A 167 11.39 38.99 -28.55
N ALA A 168 10.69 38.36 -29.49
CA ALA A 168 9.90 37.18 -29.15
C ALA A 168 10.82 35.97 -29.02
N ARG A 169 10.74 35.25 -27.91
CA ARG A 169 11.60 34.07 -27.76
C ARG A 169 11.12 32.95 -28.68
N ILE A 170 12.00 32.01 -29.00
CA ILE A 170 11.60 30.79 -29.69
C ILE A 170 11.17 29.77 -28.63
N ILE A 171 9.88 29.42 -28.61
CA ILE A 171 9.38 28.52 -27.56
C ILE A 171 10.12 27.18 -27.63
N PHE A 172 10.16 26.59 -28.81
CA PHE A 172 10.83 25.30 -29.00
C PHE A 172 12.27 25.50 -29.48
N VAL A 173 13.08 26.13 -28.63
CA VAL A 173 14.41 26.60 -29.00
C VAL A 173 15.37 25.47 -29.40
N ASP A 174 15.12 24.25 -28.92
CA ASP A 174 16.00 23.13 -29.29
C ASP A 174 15.66 22.51 -30.65
N THR A 175 14.54 22.95 -31.24
CA THR A 175 14.02 22.36 -32.48
C THR A 175 13.92 23.38 -33.63
N GLU A 176 13.49 24.60 -33.29
CA GLU A 176 13.22 25.60 -34.32
C GLU A 176 14.34 26.64 -34.34
N GLU A 177 14.98 26.80 -35.49
CA GLU A 177 16.07 27.76 -35.60
C GLU A 177 15.56 29.21 -35.56
N SER A 178 14.27 29.39 -35.87
CA SER A 178 13.68 30.73 -35.98
C SER A 178 12.15 30.70 -35.87
N ASN A 179 11.55 31.83 -35.52
CA ASN A 179 10.09 31.95 -35.53
C ASN A 179 9.57 32.27 -36.93
N TRP A 180 10.50 32.45 -37.87
CA TRP A 180 10.16 32.68 -39.27
C TRP A 180 10.66 31.53 -40.10
N THR A 181 9.82 31.03 -41.00
CA THR A 181 10.21 29.98 -41.94
C THR A 181 9.98 30.41 -43.38
N PHE A 182 10.97 30.16 -44.23
CA PHE A 182 10.87 30.50 -45.65
C PHE A 182 10.02 29.47 -46.41
N ASP A 183 8.93 29.91 -47.02
CA ASP A 183 8.08 29.02 -47.80
C ASP A 183 8.52 28.95 -49.25
N PRO A 184 8.82 27.74 -49.73
CA PRO A 184 9.34 27.58 -51.09
C PRO A 184 8.33 27.86 -52.21
N VAL A 185 7.04 27.85 -51.90
CA VAL A 185 6.01 28.13 -52.90
C VAL A 185 5.75 29.64 -53.01
N ARG A 186 5.51 30.29 -51.87
CA ARG A 186 5.25 31.73 -51.86
C ARG A 186 6.53 32.57 -51.90
N ARG A 187 7.64 31.96 -51.49
CA ARG A 187 8.96 32.62 -51.44
C ARG A 187 8.97 33.88 -50.58
N GLN A 188 8.27 33.79 -49.46
CA GLN A 188 8.35 34.75 -48.35
C GLN A 188 8.42 33.94 -47.06
N PHE A 189 8.80 34.60 -45.96
CA PHE A 189 8.82 33.96 -44.64
C PHE A 189 7.44 34.07 -44.00
N TYR A 190 7.02 33.02 -43.26
CA TYR A 190 5.83 33.12 -42.43
C TYR A 190 6.18 32.87 -40.97
N TRP A 191 5.39 33.45 -40.08
CA TRP A 191 5.60 33.46 -38.65
C TRP A 191 4.96 32.24 -38.00
N HIS A 192 5.65 31.66 -37.03
CA HIS A 192 5.07 30.59 -36.21
C HIS A 192 5.68 30.59 -34.81
N ARG A 193 4.85 30.67 -33.78
CA ARG A 193 5.37 30.57 -32.42
C ARG A 193 5.64 29.12 -32.06
N PHE A 194 4.90 28.22 -32.69
CA PHE A 194 5.12 26.79 -32.42
C PHE A 194 5.97 26.16 -33.53
N PHE A 195 5.71 24.92 -33.90
CA PHE A 195 6.57 24.28 -34.90
C PHE A 195 6.33 24.89 -36.27
N SER A 196 7.26 24.66 -37.19
CA SER A 196 7.19 25.28 -38.52
C SER A 196 5.96 24.82 -39.31
N HIS A 197 5.43 23.64 -38.99
CA HIS A 197 4.23 23.15 -39.68
C HIS A 197 2.94 23.67 -39.02
N GLN A 198 3.09 24.69 -38.16
CA GLN A 198 1.96 25.33 -37.49
C GLN A 198 1.96 26.86 -37.69
N PRO A 199 1.70 27.32 -38.92
CA PRO A 199 1.73 28.77 -39.19
C PRO A 199 0.72 29.58 -38.36
N ASP A 200 1.16 30.73 -37.83
CA ASP A 200 0.26 31.59 -37.04
C ASP A 200 -0.80 32.28 -37.89
N LEU A 201 -2.03 32.31 -37.41
CA LEU A 201 -3.11 33.09 -38.05
C LEU A 201 -2.89 34.59 -37.84
N ASN A 202 -3.31 35.39 -38.82
CA ASN A 202 -3.14 36.84 -38.76
C ASN A 202 -4.36 37.53 -38.18
N TYR A 203 -4.37 37.76 -36.87
CA TYR A 203 -5.53 38.33 -36.20
C TYR A 203 -5.76 39.83 -36.50
N ASP A 204 -4.77 40.48 -37.11
CA ASP A 204 -4.96 41.85 -37.59
C ASP A 204 -5.86 41.92 -38.84
N ASN A 205 -6.09 40.77 -39.47
CA ASN A 205 -7.06 40.65 -40.57
C ASN A 205 -8.44 40.45 -39.96
N PRO A 206 -9.37 41.38 -40.22
CA PRO A 206 -10.71 41.24 -39.62
C PRO A 206 -11.44 39.95 -40.06
N ALA A 207 -11.07 39.44 -41.23
CA ALA A 207 -11.72 38.24 -41.74
C ALA A 207 -11.28 37.01 -40.93
N VAL A 208 -10.06 37.06 -40.42
CA VAL A 208 -9.56 35.99 -39.54
C VAL A 208 -10.33 36.00 -38.22
N GLN A 209 -10.58 37.18 -37.66
CA GLN A 209 -11.32 37.25 -36.40
C GLN A 209 -12.73 36.71 -36.57
N GLU A 210 -13.37 37.05 -37.69
CA GLU A 210 -14.72 36.55 -37.95
C GLU A 210 -14.72 35.07 -38.20
N ALA A 211 -13.70 34.57 -38.90
CA ALA A 211 -13.67 33.14 -39.21
C ALA A 211 -13.52 32.34 -37.92
N MET A 212 -12.69 32.82 -37.00
CA MET A 212 -12.50 32.11 -35.74
C MET A 212 -13.70 32.22 -34.81
N LEU A 213 -14.39 33.36 -34.82
CA LEU A 213 -15.64 33.46 -34.07
C LEU A 213 -16.65 32.45 -34.60
N ASP A 214 -16.64 32.26 -35.92
CA ASP A 214 -17.55 31.33 -36.57
C ASP A 214 -17.25 29.87 -36.18
N VAL A 215 -15.99 29.54 -35.99
CA VAL A 215 -15.62 28.22 -35.45
C VAL A 215 -16.24 28.01 -34.07
N LEU A 216 -16.11 29.00 -33.19
CA LEU A 216 -16.73 28.93 -31.88
C LEU A 216 -18.22 28.64 -31.98
N ARG A 217 -18.92 29.45 -32.77
CA ARG A 217 -20.37 29.30 -32.93
C ARG A 217 -20.78 27.96 -33.52
N PHE A 218 -19.96 27.40 -34.40
CA PHE A 218 -20.29 26.11 -35.02
C PHE A 218 -20.41 25.02 -33.95
N TRP A 219 -19.44 24.96 -33.05
CA TRP A 219 -19.46 23.93 -32.02
C TRP A 219 -20.48 24.24 -30.93
N LEU A 220 -20.67 25.52 -30.63
CA LEU A 220 -21.69 25.94 -29.67
C LEU A 220 -23.10 25.62 -30.17
N ASP A 221 -23.33 25.81 -31.46
CA ASP A 221 -24.61 25.45 -32.07
C ASP A 221 -24.88 23.94 -31.97
N LEU A 222 -23.83 23.13 -32.10
CA LEU A 222 -23.97 21.68 -31.92
C LEU A 222 -24.34 21.34 -30.49
N GLY A 223 -23.95 22.20 -29.54
CA GLY A 223 -24.33 22.02 -28.15
C GLY A 223 -23.20 21.84 -27.16
N ILE A 224 -21.96 22.04 -27.59
CA ILE A 224 -20.82 21.91 -26.66
C ILE A 224 -20.92 22.95 -25.52
N ASP A 225 -20.48 22.55 -24.32
CA ASP A 225 -20.68 23.38 -23.14
C ASP A 225 -19.60 24.42 -22.94
N GLY A 226 -18.54 24.35 -23.74
CA GLY A 226 -17.48 25.33 -23.64
C GLY A 226 -16.18 24.87 -24.28
N PHE A 227 -15.15 25.72 -24.18
CA PHE A 227 -13.85 25.43 -24.77
C PHE A 227 -12.72 25.80 -23.83
N ARG A 228 -11.64 25.04 -23.86
CA ARG A 228 -10.38 25.59 -23.38
C ARG A 228 -9.71 26.23 -24.57
N LEU A 229 -9.52 27.55 -24.50
CA LEU A 229 -8.86 28.28 -25.59
C LEU A 229 -7.35 28.17 -25.43
N ASP A 230 -6.67 27.59 -26.41
CA ASP A 230 -5.24 27.33 -26.28
C ASP A 230 -4.37 28.28 -27.07
N ALA A 231 -3.20 28.59 -26.52
CA ALA A 231 -2.19 29.43 -27.16
C ALA A 231 -2.63 30.90 -27.35
N VAL A 232 -3.64 31.31 -26.59
CA VAL A 232 -4.15 32.67 -26.77
C VAL A 232 -3.18 33.81 -26.40
N PRO A 233 -2.23 33.60 -25.46
CA PRO A 233 -1.32 34.73 -25.23
C PRO A 233 -0.52 35.17 -26.46
N TYR A 234 -0.46 34.32 -27.47
CA TYR A 234 0.35 34.57 -28.66
C TYR A 234 -0.37 35.12 -29.90
N LEU A 235 -1.64 35.47 -29.77
CA LEU A 235 -2.45 35.84 -30.94
C LEU A 235 -1.82 36.98 -31.74
N PHE A 236 -1.67 38.14 -31.09
CA PHE A 236 -1.11 39.30 -31.75
C PHE A 236 0.40 39.47 -31.52
N GLU A 237 1.09 39.99 -32.53
CA GLU A 237 2.49 40.40 -32.45
C GLU A 237 2.63 41.91 -32.68
N ARG A 238 3.57 42.56 -32.01
CA ARG A 238 3.85 43.99 -32.19
C ARG A 238 5.34 44.25 -32.02
N GLU A 239 5.92 45.07 -32.89
CA GLU A 239 7.31 45.48 -32.73
C GLU A 239 7.51 46.18 -31.38
N GLY A 240 8.69 45.98 -30.78
CA GLY A 240 8.96 46.55 -29.48
C GLY A 240 8.40 45.79 -28.28
N THR A 241 7.79 44.63 -28.55
CA THR A 241 7.20 43.80 -27.49
C THR A 241 7.67 42.36 -27.64
N ASN A 242 7.44 41.54 -26.62
CA ASN A 242 7.79 40.13 -26.72
C ASN A 242 6.64 39.31 -27.33
N CYS A 243 5.63 40.03 -27.82
CA CYS A 243 4.53 39.43 -28.57
C CYS A 243 3.71 38.41 -27.77
N GLU A 244 3.55 38.68 -26.47
CA GLU A 244 2.62 37.91 -25.63
C GLU A 244 1.79 38.87 -24.82
N ASN A 245 0.54 38.50 -24.56
CA ASN A 245 -0.34 39.22 -23.64
C ASN A 245 -0.68 40.64 -24.08
N LEU A 246 -0.63 40.89 -25.39
CA LEU A 246 -0.89 42.24 -25.91
C LEU A 246 -2.34 42.67 -25.68
N PRO A 247 -2.57 44.00 -25.56
CA PRO A 247 -3.94 44.47 -25.37
C PRO A 247 -4.89 44.04 -26.49
N GLU A 248 -4.42 43.95 -27.74
CA GLU A 248 -5.32 43.51 -28.81
C GLU A 248 -5.72 42.05 -28.65
N THR A 249 -4.84 41.27 -28.02
CA THR A 249 -5.17 39.88 -27.73
C THR A 249 -6.33 39.80 -26.75
N HIS A 250 -6.24 40.57 -25.67
CA HIS A 250 -7.33 40.63 -24.70
C HIS A 250 -8.63 41.16 -25.31
N ALA A 251 -8.50 42.12 -26.23
CA ALA A 251 -9.66 42.66 -26.93
C ALA A 251 -10.41 41.58 -27.72
N PHE A 252 -9.66 40.70 -28.41
CA PHE A 252 -10.32 39.62 -29.13
C PHE A 252 -10.99 38.63 -28.16
N LEU A 253 -10.34 38.35 -27.03
CA LEU A 253 -10.95 37.49 -26.03
C LEU A 253 -12.28 38.05 -25.51
N LYS A 254 -12.35 39.38 -25.38
CA LYS A 254 -13.60 40.03 -24.99
C LYS A 254 -14.70 39.79 -26.02
N ARG A 255 -14.34 39.77 -27.31
CA ARG A 255 -15.29 39.45 -28.37
C ARG A 255 -15.84 38.03 -28.21
N CYS A 256 -14.95 37.10 -27.84
CA CYS A 256 -15.36 35.71 -27.62
C CYS A 256 -16.32 35.61 -26.45
N ARG A 257 -15.99 36.27 -25.35
CA ARG A 257 -16.85 36.25 -24.16
C ARG A 257 -18.20 36.88 -24.46
N LYS A 258 -18.19 37.99 -25.21
CA LYS A 258 -19.42 38.67 -25.56
C LYS A 258 -20.33 37.80 -26.41
N ALA A 259 -19.75 37.13 -27.40
CA ALA A 259 -20.51 36.19 -28.24
C ALA A 259 -21.16 35.11 -27.39
N ILE A 260 -20.40 34.57 -26.44
CA ILE A 260 -20.93 33.59 -25.49
C ILE A 260 -22.07 34.16 -24.67
N ASP A 261 -21.81 35.31 -24.03
CA ASP A 261 -22.77 35.97 -23.17
C ASP A 261 -24.09 36.26 -23.89
N ASP A 262 -23.99 36.74 -25.11
CA ASP A 262 -25.16 37.19 -25.86
C ASP A 262 -25.93 36.07 -26.53
N GLU A 263 -25.22 35.05 -27.02
CA GLU A 263 -25.83 34.05 -27.87
C GLU A 263 -25.97 32.68 -27.20
N TYR A 264 -25.05 32.38 -26.28
CA TYR A 264 -25.07 31.08 -25.62
C TYR A 264 -24.82 31.18 -24.12
N PRO A 265 -25.76 31.78 -23.38
CA PRO A 265 -25.55 31.92 -21.94
C PRO A 265 -25.41 30.56 -21.27
N GLY A 266 -24.53 30.47 -20.27
CA GLY A 266 -24.34 29.22 -19.55
C GLY A 266 -23.21 28.34 -20.09
N ARG A 267 -22.50 28.82 -21.11
CA ARG A 267 -21.32 28.10 -21.62
C ARG A 267 -20.06 28.73 -21.03
N VAL A 268 -18.93 28.05 -21.15
CA VAL A 268 -17.72 28.48 -20.44
C VAL A 268 -16.51 28.61 -21.36
N LEU A 269 -15.66 29.60 -21.07
CA LEU A 269 -14.37 29.74 -21.74
C LEU A 269 -13.26 29.56 -20.71
N LEU A 270 -12.32 28.64 -20.98
CA LEU A 270 -11.17 28.44 -20.12
C LEU A 270 -9.89 28.90 -20.81
N ALA A 271 -9.05 29.62 -20.10
CA ALA A 271 -7.80 30.08 -20.68
C ALA A 271 -6.67 29.12 -20.32
N GLU A 272 -5.88 28.75 -21.33
CA GLU A 272 -4.62 28.05 -21.12
C GLU A 272 -3.50 29.08 -21.21
N ALA A 273 -3.16 29.70 -20.09
CA ALA A 273 -2.03 30.62 -20.05
C ALA A 273 -1.04 30.10 -19.03
N ASN A 274 0.08 29.58 -19.52
CA ASN A 274 1.08 28.97 -18.64
C ASN A 274 1.95 30.07 -18.05
N GLN A 275 1.38 30.88 -17.17
CA GLN A 275 2.08 32.03 -16.61
C GLN A 275 1.93 32.08 -15.12
N TRP A 276 2.79 32.85 -14.46
CA TRP A 276 2.66 33.08 -13.03
C TRP A 276 1.26 33.62 -12.73
N PRO A 277 0.67 33.21 -11.60
CA PRO A 277 -0.75 33.50 -11.34
C PRO A 277 -1.10 34.99 -11.41
N ALA A 278 -0.19 35.86 -10.96
CA ALA A 278 -0.44 37.29 -10.98
C ALA A 278 -0.68 37.79 -12.41
N ASP A 279 0.08 37.23 -13.36
CA ASP A 279 -0.04 37.58 -14.78
C ASP A 279 -1.31 36.99 -15.42
N VAL A 280 -1.80 35.89 -14.87
CA VAL A 280 -2.93 35.19 -15.46
C VAL A 280 -4.25 35.90 -15.18
N VAL A 281 -4.33 36.63 -14.07
CA VAL A 281 -5.57 37.28 -13.68
C VAL A 281 -6.11 38.19 -14.77
N ALA A 282 -5.23 38.70 -15.63
CA ALA A 282 -5.62 39.55 -16.73
C ALA A 282 -6.58 38.83 -17.67
N TYR A 283 -6.45 37.50 -17.73
CA TYR A 283 -7.27 36.71 -18.65
C TYR A 283 -8.73 36.53 -18.21
N PHE A 284 -9.05 36.93 -16.99
CA PHE A 284 -10.44 36.95 -16.55
C PHE A 284 -11.13 38.25 -17.02
N GLY A 285 -10.32 39.23 -17.41
CA GLY A 285 -10.86 40.46 -17.98
C GLY A 285 -10.99 41.60 -16.99
N ASP A 286 -11.89 42.53 -17.28
CA ASP A 286 -12.08 43.73 -16.45
C ASP A 286 -12.89 43.42 -15.19
N PRO A 287 -12.27 43.60 -14.02
CA PRO A 287 -12.90 43.37 -12.71
C PRO A 287 -14.12 44.24 -12.49
N ASP A 288 -14.15 45.42 -13.12
CA ASP A 288 -15.26 46.36 -12.96
C ASP A 288 -16.57 45.86 -13.60
N THR A 289 -16.46 44.87 -14.49
CA THR A 289 -17.63 44.28 -15.12
C THR A 289 -17.99 42.95 -14.47
N GLY A 290 -17.15 42.49 -13.55
CA GLY A 290 -17.32 41.18 -12.97
C GLY A 290 -16.63 40.10 -13.81
N GLY A 291 -15.77 40.55 -14.72
CA GLY A 291 -15.04 39.66 -15.60
C GLY A 291 -15.64 39.62 -17.00
N ASP A 292 -14.84 39.98 -18.00
CA ASP A 292 -15.37 40.06 -19.36
C ASP A 292 -14.52 39.33 -20.40
N GLU A 293 -13.65 38.43 -19.94
CA GLU A 293 -12.90 37.56 -20.84
C GLU A 293 -13.18 36.11 -20.48
N CYS A 294 -12.16 35.36 -20.06
CA CYS A 294 -12.39 33.94 -19.75
C CYS A 294 -13.07 33.75 -18.39
N HIS A 295 -13.96 32.75 -18.32
CA HIS A 295 -14.60 32.40 -17.05
C HIS A 295 -13.59 31.71 -16.12
N MET A 296 -12.68 30.95 -16.72
CA MET A 296 -11.71 30.17 -15.96
C MET A 296 -10.32 30.28 -16.53
N ALA A 297 -9.32 30.07 -15.69
CA ALA A 297 -7.94 29.97 -16.14
C ALA A 297 -7.22 29.01 -15.19
N PHE A 298 -6.15 28.39 -15.66
CA PHE A 298 -5.45 27.42 -14.83
C PHE A 298 -4.36 28.00 -13.93
N HIS A 299 -4.29 27.46 -12.71
CA HIS A 299 -3.27 27.81 -11.74
C HIS A 299 -2.13 26.78 -11.83
N PHE A 300 -1.20 27.04 -12.75
CA PHE A 300 -0.14 26.09 -13.05
C PHE A 300 0.88 25.76 -11.93
N PRO A 301 1.24 26.76 -11.09
CA PRO A 301 2.30 26.45 -10.10
C PRO A 301 1.86 25.57 -8.94
N LEU A 302 0.57 25.27 -8.83
CA LEU A 302 0.05 24.56 -7.65
C LEU A 302 0.73 23.20 -7.44
N MET A 303 0.74 22.35 -8.47
CA MET A 303 1.35 21.02 -8.31
C MET A 303 2.85 21.07 -8.02
N PRO A 304 3.63 21.87 -8.78
CA PRO A 304 5.04 21.98 -8.41
C PRO A 304 5.25 22.39 -6.95
N ARG A 305 4.42 23.28 -6.42
CA ARG A 305 4.55 23.69 -5.03
C ARG A 305 4.11 22.61 -4.05
N ILE A 306 3.04 21.89 -4.36
CA ILE A 306 2.63 20.77 -3.50
C ILE A 306 3.72 19.70 -3.51
N PHE A 307 4.24 19.41 -4.71
CA PHE A 307 5.29 18.43 -4.84
C PHE A 307 6.52 18.81 -3.97
N MET A 308 6.95 20.06 -4.04
CA MET A 308 8.09 20.50 -3.23
C MET A 308 7.79 20.58 -1.73
N ALA A 309 6.56 20.92 -1.36
CA ALA A 309 6.11 20.92 0.04
C ALA A 309 6.25 19.54 0.68
N VAL A 310 5.90 18.50 -0.06
CA VAL A 310 6.05 17.13 0.42
C VAL A 310 7.52 16.72 0.45
N ARG A 311 8.26 17.10 -0.59
CA ARG A 311 9.68 16.76 -0.62
C ARG A 311 10.39 17.39 0.58
N ARG A 312 9.99 18.61 0.96
CA ARG A 312 10.63 19.33 2.05
C ARG A 312 9.90 19.19 3.39
N GLU A 313 8.76 18.50 3.39
CA GLU A 313 7.95 18.33 4.60
C GLU A 313 7.60 19.66 5.27
N SER A 314 7.22 20.63 4.44
CA SER A 314 6.89 21.97 4.91
C SER A 314 5.67 22.51 4.15
N ARG A 315 4.73 23.12 4.87
CA ARG A 315 3.52 23.67 4.26
C ARG A 315 3.78 24.93 3.46
N PHE A 316 4.95 25.54 3.65
CA PHE A 316 5.20 26.88 3.11
C PHE A 316 5.11 27.06 1.58
N PRO A 317 5.67 26.11 0.80
CA PRO A 317 5.48 26.27 -0.65
C PRO A 317 4.02 26.34 -1.05
N ILE A 318 3.12 25.64 -0.36
CA ILE A 318 1.69 25.73 -0.67
C ILE A 318 1.06 27.00 -0.10
N SER A 319 1.30 27.28 1.19
CA SER A 319 0.81 28.49 1.84
C SER A 319 1.13 29.75 1.04
N GLU A 320 2.38 29.84 0.61
CA GLU A 320 2.86 31.04 -0.07
C GLU A 320 2.23 31.23 -1.44
N ILE A 321 2.05 30.15 -2.20
CA ILE A 321 1.53 30.29 -3.55
C ILE A 321 0.07 30.72 -3.51
N LEU A 322 -0.66 30.24 -2.51
CA LEU A 322 -2.06 30.57 -2.33
C LEU A 322 -2.21 32.00 -1.81
N ALA A 323 -1.37 32.38 -0.85
CA ALA A 323 -1.44 33.70 -0.26
C ALA A 323 -1.06 34.79 -1.27
N GLN A 324 -0.13 34.46 -2.16
CA GLN A 324 0.34 35.43 -3.15
C GLN A 324 -0.50 35.49 -4.44
N THR A 325 -1.50 34.62 -4.55
CA THR A 325 -2.41 34.67 -5.68
C THR A 325 -3.43 35.80 -5.51
N PRO A 326 -3.47 36.74 -6.46
CA PRO A 326 -4.38 37.88 -6.35
C PRO A 326 -5.85 37.47 -6.46
N PRO A 327 -6.76 38.32 -5.96
CA PRO A 327 -8.20 38.04 -6.09
C PRO A 327 -8.62 38.06 -7.56
N ILE A 328 -9.62 37.25 -7.91
CA ILE A 328 -10.14 37.23 -9.28
C ILE A 328 -11.62 37.62 -9.23
N PRO A 329 -12.22 37.97 -10.39
CA PRO A 329 -13.65 38.33 -10.40
C PRO A 329 -14.55 37.26 -9.75
N ASP A 330 -15.63 37.68 -9.11
CA ASP A 330 -16.42 36.74 -8.30
C ASP A 330 -17.16 35.66 -9.11
N THR A 331 -17.41 35.93 -10.38
CA THR A 331 -18.05 34.95 -11.25
C THR A 331 -17.02 34.06 -11.96
N ALA A 332 -15.74 34.28 -11.65
CA ALA A 332 -14.64 33.52 -12.26
C ALA A 332 -14.13 32.41 -11.33
N GLN A 333 -13.30 31.50 -11.86
CA GLN A 333 -12.82 30.36 -11.08
C GLN A 333 -11.46 29.86 -11.60
N TRP A 334 -10.54 29.52 -10.69
CA TRP A 334 -9.28 28.91 -11.11
C TRP A 334 -9.56 27.45 -11.42
N GLY A 335 -8.85 26.90 -12.41
CA GLY A 335 -8.83 25.47 -12.62
C GLY A 335 -7.54 24.94 -12.03
N ILE A 336 -7.60 23.75 -11.42
CA ILE A 336 -6.39 23.17 -10.84
C ILE A 336 -6.24 21.70 -11.20
N PHE A 337 -5.00 21.25 -11.30
CA PHE A 337 -4.73 19.85 -11.64
C PHE A 337 -3.36 19.36 -11.15
N LEU A 338 -3.20 18.05 -11.05
CA LEU A 338 -1.97 17.49 -10.47
C LEU A 338 -0.93 17.18 -11.55
N ARG A 339 -0.51 18.22 -12.27
CA ARG A 339 0.53 18.07 -13.30
C ARG A 339 1.56 19.20 -13.17
N ASN A 340 2.80 18.89 -13.54
CA ASN A 340 3.89 19.85 -13.46
C ASN A 340 4.18 20.55 -14.77
N HIS A 341 3.48 20.16 -15.83
CA HIS A 341 3.75 20.72 -17.16
C HIS A 341 2.47 21.00 -17.92
N ASP A 342 2.51 22.08 -18.69
CA ASP A 342 1.46 22.44 -19.64
C ASP A 342 1.55 21.45 -20.80
N GLU A 343 0.42 20.91 -21.24
CA GLU A 343 0.44 19.87 -22.28
C GLU A 343 0.75 20.37 -23.69
N LEU A 344 0.57 21.66 -23.94
CA LEU A 344 0.88 22.23 -25.26
C LEU A 344 2.38 22.35 -25.48
N THR A 345 3.07 22.97 -24.53
CA THR A 345 4.48 23.32 -24.69
C THR A 345 5.45 22.42 -23.91
N LEU A 346 4.90 21.61 -23.00
CA LEU A 346 5.70 20.76 -22.12
C LEU A 346 6.64 21.59 -21.25
N GLU A 347 6.21 22.79 -20.89
CA GLU A 347 7.01 23.66 -20.02
C GLU A 347 6.40 23.74 -18.64
N MET A 348 7.24 23.83 -17.61
CA MET A 348 6.73 24.12 -16.27
C MET A 348 6.80 25.63 -16.03
N VAL A 349 5.71 26.21 -15.55
CA VAL A 349 5.68 27.64 -15.28
C VAL A 349 6.71 27.98 -14.21
N THR A 350 7.32 29.15 -14.30
CA THR A 350 8.12 29.69 -13.21
C THR A 350 8.37 31.16 -13.43
N ASP A 351 9.07 31.78 -12.49
CA ASP A 351 9.34 33.20 -12.54
C ASP A 351 10.58 33.51 -11.72
N GLU A 352 11.63 33.95 -12.39
CA GLU A 352 12.92 34.25 -11.75
C GLU A 352 12.76 35.25 -10.60
N GLU A 353 11.84 36.20 -10.76
CA GLU A 353 11.69 37.28 -9.79
C GLU A 353 10.65 37.04 -8.69
N ARG A 354 9.57 36.34 -9.01
CA ARG A 354 8.46 36.21 -8.06
C ARG A 354 8.26 34.83 -7.45
N ASP A 355 9.06 33.86 -7.89
CA ASP A 355 8.99 32.50 -7.36
C ASP A 355 10.19 32.23 -6.46
N TYR A 356 9.97 32.19 -5.14
CA TYR A 356 11.07 31.95 -4.21
C TYR A 356 11.66 30.54 -4.37
N MET A 357 10.88 29.63 -4.97
CA MET A 357 11.34 28.26 -5.21
C MET A 357 12.09 28.10 -6.54
N TYR A 358 12.27 29.20 -7.26
CA TYR A 358 12.87 29.18 -8.60
C TYR A 358 14.10 28.30 -8.78
N ALA A 359 15.08 28.44 -7.89
CA ALA A 359 16.32 27.68 -8.00
C ALA A 359 16.25 26.31 -7.34
N GLU A 360 15.16 26.06 -6.62
CA GLU A 360 15.02 24.86 -5.80
C GLU A 360 14.63 23.59 -6.57
N TYR A 361 13.86 23.76 -7.63
CA TYR A 361 13.39 22.63 -8.44
C TYR A 361 14.56 21.81 -9.00
N ALA A 362 15.62 22.48 -9.41
CA ALA A 362 16.78 21.81 -10.00
C ALA A 362 17.57 20.98 -8.99
N LYS A 363 17.39 21.28 -7.71
CA LYS A 363 18.10 20.57 -6.65
C LYS A 363 17.42 19.26 -6.29
N ASP A 364 16.21 19.06 -6.82
CA ASP A 364 15.44 17.86 -6.55
C ASP A 364 15.58 16.87 -7.70
N PRO A 365 16.23 15.73 -7.44
CA PRO A 365 16.49 14.78 -8.53
C PRO A 365 15.21 14.22 -9.17
N ARG A 366 14.10 14.17 -8.44
CA ARG A 366 12.83 13.75 -9.01
C ARG A 366 12.29 14.77 -10.04
N MET A 367 12.26 16.04 -9.66
CA MET A 367 11.89 17.11 -10.59
C MET A 367 12.83 17.14 -11.79
N LYS A 368 14.13 17.00 -11.53
CA LYS A 368 15.12 17.11 -12.59
C LYS A 368 14.96 16.05 -13.68
N ALA A 369 14.71 14.82 -13.26
CA ALA A 369 14.60 13.70 -14.19
C ALA A 369 13.44 13.86 -15.18
N ASN A 370 12.36 14.49 -14.71
CA ASN A 370 11.12 14.57 -15.49
C ASN A 370 10.88 15.90 -16.19
N VAL A 371 11.92 16.73 -16.25
CA VAL A 371 11.82 18.01 -16.95
C VAL A 371 11.33 17.84 -18.39
N GLY A 372 10.21 18.47 -18.72
CA GLY A 372 9.71 18.47 -20.08
C GLY A 372 8.93 17.22 -20.50
N ILE A 373 8.57 16.39 -19.52
CA ILE A 373 7.83 15.16 -19.78
C ILE A 373 6.56 15.09 -18.92
N ARG A 374 5.39 14.86 -19.54
CA ARG A 374 4.19 14.61 -18.74
C ARG A 374 4.30 13.25 -18.08
N ARG A 375 3.96 13.18 -16.79
CA ARG A 375 3.95 11.91 -16.05
C ARG A 375 2.61 11.82 -15.34
N ARG A 376 2.12 10.61 -15.13
CA ARG A 376 0.88 10.44 -14.39
CA ARG A 376 0.89 10.42 -14.40
C ARG A 376 1.13 10.51 -12.90
N LEU A 377 0.05 10.63 -12.13
CA LEU A 377 0.16 10.88 -10.71
C LEU A 377 0.89 9.76 -9.97
N ALA A 378 0.48 8.51 -10.18
CA ALA A 378 1.13 7.41 -9.47
C ALA A 378 2.66 7.34 -9.74
N PRO A 379 3.09 7.41 -11.01
CA PRO A 379 4.54 7.45 -11.24
C PRO A 379 5.25 8.67 -10.64
N LEU A 380 4.62 9.85 -10.65
CA LEU A 380 5.21 11.04 -10.02
C LEU A 380 5.48 10.80 -8.54
N LEU A 381 4.65 9.97 -7.92
CA LEU A 381 4.74 9.71 -6.49
C LEU A 381 5.31 8.32 -6.17
N GLU A 382 6.00 7.73 -7.14
CA GLU A 382 6.58 6.40 -7.00
C GLU A 382 5.58 5.37 -6.48
N ASN A 383 4.33 5.48 -6.93
CA ASN A 383 3.27 4.53 -6.61
C ASN A 383 2.95 4.41 -5.12
N ASP A 384 3.27 5.45 -4.35
CA ASP A 384 2.99 5.47 -2.92
C ASP A 384 1.53 5.83 -2.69
N ARG A 385 0.72 4.83 -2.30
CA ARG A 385 -0.72 5.02 -2.15
C ARG A 385 -1.09 6.12 -1.13
N ASN A 386 -0.33 6.21 -0.04
CA ASN A 386 -0.59 7.29 0.93
C ASN A 386 -0.45 8.69 0.33
N GLN A 387 0.59 8.88 -0.49
CA GLN A 387 0.80 10.16 -1.14
C GLN A 387 -0.22 10.42 -2.25
N ILE A 388 -0.59 9.39 -3.01
CA ILE A 388 -1.63 9.57 -4.02
C ILE A 388 -2.90 10.10 -3.36
N GLU A 389 -3.25 9.54 -2.21
CA GLU A 389 -4.44 10.00 -1.48
C GLU A 389 -4.28 11.44 -0.98
N LEU A 390 -3.11 11.75 -0.45
CA LEU A 390 -2.81 13.11 0.04
C LEU A 390 -2.91 14.14 -1.08
N PHE A 391 -2.26 13.90 -2.21
CA PHE A 391 -2.32 14.84 -3.34
C PHE A 391 -3.75 14.96 -3.88
N THR A 392 -4.47 13.86 -3.94
CA THR A 392 -5.86 13.90 -4.43
C THR A 392 -6.75 14.69 -3.45
N ALA A 393 -6.52 14.51 -2.16
CA ALA A 393 -7.32 15.24 -1.16
C ALA A 393 -7.12 16.74 -1.29
N LEU A 394 -5.85 17.14 -1.47
CA LEU A 394 -5.53 18.55 -1.70
C LEU A 394 -6.18 19.07 -2.99
N LEU A 395 -6.11 18.29 -4.07
CA LEU A 395 -6.76 18.69 -5.32
C LEU A 395 -8.25 18.94 -5.13
N LEU A 396 -8.89 18.13 -4.30
CA LEU A 396 -10.34 18.18 -4.14
C LEU A 396 -10.80 19.15 -3.05
N SER A 397 -9.86 19.74 -2.31
CA SER A 397 -10.27 20.61 -1.20
C SER A 397 -9.67 22.02 -1.27
N LEU A 398 -8.70 22.21 -2.15
CA LEU A 398 -8.11 23.54 -2.34
C LEU A 398 -9.01 24.41 -3.23
N PRO A 399 -8.86 25.74 -3.18
CA PRO A 399 -9.76 26.59 -3.95
C PRO A 399 -9.61 26.39 -5.47
N GLY A 400 -10.73 26.23 -6.16
CA GLY A 400 -10.70 26.08 -7.60
C GLY A 400 -11.58 24.91 -8.04
N SER A 401 -11.66 24.70 -9.35
CA SER A 401 -12.39 23.56 -9.87
C SER A 401 -11.35 22.56 -10.35
N PRO A 402 -11.38 21.33 -9.80
CA PRO A 402 -10.28 20.41 -10.14
C PRO A 402 -10.52 19.63 -11.42
N VAL A 403 -9.42 19.25 -12.07
CA VAL A 403 -9.46 18.41 -13.25
C VAL A 403 -8.76 17.12 -12.87
N LEU A 404 -9.46 16.00 -13.04
CA LEU A 404 -8.88 14.67 -12.87
C LEU A 404 -8.42 14.20 -14.25
N TYR A 405 -7.28 13.52 -14.33
CA TYR A 405 -6.82 13.02 -15.63
C TYR A 405 -7.16 11.53 -15.76
N TYR A 406 -7.73 11.11 -16.90
CA TYR A 406 -8.26 9.74 -17.04
C TYR A 406 -7.18 8.72 -16.66
N GLY A 407 -7.54 7.75 -15.83
CA GLY A 407 -6.62 6.70 -15.45
C GLY A 407 -5.96 6.92 -14.11
N ASP A 408 -5.82 8.17 -13.68
CA ASP A 408 -5.25 8.43 -12.36
C ASP A 408 -6.12 7.86 -11.25
N GLU A 409 -7.42 7.69 -11.51
CA GLU A 409 -8.32 7.17 -10.48
C GLU A 409 -8.12 5.66 -10.20
N ILE A 410 -7.43 4.95 -11.09
CA ILE A 410 -7.03 3.57 -10.81
C ILE A 410 -5.54 3.42 -10.57
N GLY A 411 -4.80 4.51 -10.71
CA GLY A 411 -3.36 4.46 -10.49
C GLY A 411 -2.56 3.99 -11.69
N MET A 412 -3.04 4.33 -12.90
CA MET A 412 -2.28 4.01 -14.10
C MET A 412 -0.88 4.59 -14.11
N GLY A 413 0.03 3.89 -14.79
CA GLY A 413 1.37 4.39 -15.00
C GLY A 413 1.50 5.02 -16.38
N ASP A 414 2.72 5.32 -16.79
CA ASP A 414 2.93 5.93 -18.08
C ASP A 414 4.02 5.16 -18.81
N ILE A 415 4.31 5.55 -20.04
CA ILE A 415 5.39 4.91 -20.79
C ILE A 415 6.22 6.02 -21.43
N ILE A 416 7.23 6.47 -20.72
CA ILE A 416 7.94 7.68 -21.14
C ILE A 416 8.57 7.61 -22.53
N TRP A 417 8.96 6.41 -22.94
CA TRP A 417 9.62 6.25 -24.25
C TRP A 417 8.72 6.55 -25.44
N LEU A 418 7.41 6.63 -25.22
CA LEU A 418 6.48 6.91 -26.31
C LEU A 418 6.52 8.36 -26.76
N GLY A 419 7.06 9.22 -25.90
CA GLY A 419 7.15 10.65 -26.21
C GLY A 419 6.80 11.52 -25.02
N ASP A 420 7.12 12.81 -25.09
CA ASP A 420 6.97 13.68 -23.91
C ASP A 420 5.51 13.90 -23.54
N ARG A 421 4.64 13.78 -24.53
CA ARG A 421 3.21 13.89 -24.33
CA ARG A 421 3.21 13.88 -24.32
C ARG A 421 2.55 12.50 -24.34
N ASP A 422 2.93 11.66 -25.31
CA ASP A 422 2.31 10.34 -25.46
C ASP A 422 2.56 9.41 -24.28
N SER A 423 3.54 9.80 -23.45
CA SER A 423 3.82 9.13 -22.19
CA SER A 423 3.82 9.13 -22.18
C SER A 423 2.53 8.83 -21.41
N VAL A 424 1.65 9.82 -21.33
CA VAL A 424 0.44 9.68 -20.53
C VAL A 424 -0.83 9.45 -21.36
N ARG A 425 -0.66 9.06 -22.62
CA ARG A 425 -1.83 8.90 -23.49
C ARG A 425 -2.10 7.45 -23.93
N THR A 426 -1.65 6.50 -23.12
CA THR A 426 -1.84 5.08 -23.44
C THR A 426 -3.29 4.64 -23.14
N PRO A 427 -3.72 3.47 -23.67
CA PRO A 427 -5.14 3.11 -23.54
C PRO A 427 -5.61 2.98 -22.11
N MET A 428 -6.86 3.38 -21.88
CA MET A 428 -7.48 3.19 -20.58
C MET A 428 -7.52 1.69 -20.26
N GLN A 429 -7.16 1.32 -19.03
CA GLN A 429 -7.03 -0.10 -18.66
C GLN A 429 -8.29 -0.59 -17.97
N TRP A 430 -9.18 -1.18 -18.76
CA TRP A 430 -10.52 -1.57 -18.28
C TRP A 430 -10.54 -2.93 -17.60
N THR A 431 -9.78 -3.89 -18.14
CA THR A 431 -9.79 -5.27 -17.63
C THR A 431 -8.39 -5.88 -17.77
N PRO A 432 -8.15 -7.07 -17.20
CA PRO A 432 -6.85 -7.72 -17.41
C PRO A 432 -6.79 -8.52 -18.71
N ASP A 433 -7.83 -8.40 -19.52
CA ASP A 433 -7.92 -9.14 -20.78
C ASP A 433 -6.99 -8.51 -21.82
N ARG A 434 -6.89 -9.18 -22.96
CA ARG A 434 -6.18 -8.74 -24.15
C ARG A 434 -6.38 -7.22 -24.41
N ASN A 435 -5.30 -6.50 -24.68
CA ASN A 435 -5.34 -5.04 -24.91
C ASN A 435 -5.93 -4.26 -23.74
N ALA A 436 -5.88 -4.81 -22.53
CA ALA A 436 -6.52 -4.21 -21.35
C ALA A 436 -8.00 -3.96 -21.53
N GLY A 437 -8.64 -4.70 -22.43
CA GLY A 437 -10.07 -4.52 -22.69
C GLY A 437 -10.44 -3.24 -23.41
N PHE A 438 -9.44 -2.54 -23.92
CA PHE A 438 -9.65 -1.28 -24.64
C PHE A 438 -10.12 -1.52 -26.07
N SER A 439 -9.72 -2.65 -26.65
CA SER A 439 -10.01 -2.93 -28.06
C SER A 439 -10.06 -4.41 -28.35
N LYS A 440 -10.82 -4.79 -29.38
CA LYS A 440 -10.78 -6.16 -29.91
C LYS A 440 -9.77 -6.33 -31.05
N ALA A 441 -9.09 -5.26 -31.45
CA ALA A 441 -8.13 -5.34 -32.56
C ALA A 441 -6.91 -6.17 -32.15
N THR A 442 -6.07 -6.52 -33.11
CA THR A 442 -4.80 -7.18 -32.80
C THR A 442 -3.89 -6.15 -32.10
N PRO A 443 -3.00 -6.61 -31.20
CA PRO A 443 -2.20 -5.67 -30.38
C PRO A 443 -1.35 -4.77 -31.25
N GLY A 444 -0.91 -5.27 -32.40
CA GLY A 444 -0.02 -4.50 -33.27
C GLY A 444 -0.74 -3.37 -33.99
N ARG A 445 -2.07 -3.39 -33.97
CA ARG A 445 -2.87 -2.32 -34.57
C ARG A 445 -3.29 -1.22 -33.60
N LEU A 446 -2.99 -1.37 -32.31
CA LEU A 446 -3.36 -0.31 -31.36
C LEU A 446 -2.59 0.98 -31.65
N TYR A 447 -3.23 2.12 -31.41
CA TYR A 447 -2.62 3.42 -31.68
C TYR A 447 -1.39 3.60 -30.78
N LEU A 448 -1.50 3.10 -29.54
CA LEU A 448 -0.38 3.04 -28.58
C LEU A 448 -0.60 1.80 -27.73
N PRO A 449 0.48 1.20 -27.18
CA PRO A 449 0.30 -0.02 -26.37
C PRO A 449 -0.08 0.28 -24.92
N PRO A 450 -0.72 -0.68 -24.22
CA PRO A 450 -0.99 -0.47 -22.80
C PRO A 450 0.29 -0.70 -21.98
N ASN A 451 0.31 -0.25 -20.74
CA ASN A 451 1.41 -0.59 -19.83
C ASN A 451 1.46 -2.11 -19.64
N GLN A 452 2.66 -2.68 -19.58
CA GLN A 452 2.81 -4.14 -19.46
C GLN A 452 3.81 -4.55 -18.38
N ASP A 453 4.24 -3.60 -17.57
CA ASP A 453 5.25 -3.90 -16.55
C ASP A 453 4.61 -4.46 -15.28
N ALA A 454 5.42 -4.93 -14.33
CA ALA A 454 4.89 -5.65 -13.17
C ALA A 454 4.11 -4.75 -12.22
N VAL A 455 4.42 -3.46 -12.23
CA VAL A 455 3.78 -2.53 -11.31
C VAL A 455 2.51 -1.93 -11.89
N TYR A 456 2.63 -1.38 -13.10
CA TYR A 456 1.52 -0.64 -13.70
C TYR A 456 0.78 -1.39 -14.80
N GLY A 457 1.26 -2.58 -15.15
CA GLY A 457 0.65 -3.35 -16.23
C GLY A 457 -0.82 -3.68 -16.06
N TYR A 458 -1.53 -3.90 -17.16
CA TYR A 458 -2.97 -4.09 -17.10
C TYR A 458 -3.33 -5.41 -16.45
N HIS A 459 -2.37 -6.34 -16.35
CA HIS A 459 -2.66 -7.57 -15.63
C HIS A 459 -2.89 -7.30 -14.15
N SER A 460 -2.34 -6.21 -13.65
CA SER A 460 -2.56 -5.91 -12.23
C SER A 460 -3.34 -4.62 -11.97
N VAL A 461 -3.24 -3.65 -12.87
CA VAL A 461 -3.95 -2.36 -12.71
C VAL A 461 -5.00 -2.20 -13.78
N ASN A 462 -6.27 -2.26 -13.39
CA ASN A 462 -7.39 -2.12 -14.31
C ASN A 462 -8.69 -1.85 -13.56
N VAL A 463 -9.68 -1.28 -14.25
CA VAL A 463 -10.94 -0.92 -13.60
C VAL A 463 -11.63 -2.13 -12.97
N GLU A 464 -11.71 -3.21 -13.74
CA GLU A 464 -12.43 -4.41 -13.28
C GLU A 464 -11.93 -4.92 -11.92
N ALA A 465 -10.61 -5.01 -11.77
CA ALA A 465 -10.01 -5.54 -10.55
C ALA A 465 -10.28 -4.64 -9.34
N GLN A 466 -10.53 -3.35 -9.59
CA GLN A 466 -10.73 -2.42 -8.49
C GLN A 466 -12.19 -2.16 -8.14
N LEU A 467 -13.09 -2.60 -9.00
CA LEU A 467 -14.53 -2.42 -8.76
C LEU A 467 -15.04 -3.06 -7.46
N ASP A 468 -14.47 -4.20 -7.10
CA ASP A 468 -14.98 -5.00 -5.98
C ASP A 468 -14.71 -4.43 -4.58
N SER A 469 -13.45 -4.41 -4.16
CA SER A 469 -13.12 -3.99 -2.79
C SER A 469 -13.38 -2.52 -2.58
N SER A 470 -14.00 -2.20 -1.45
CA SER A 470 -14.29 -0.82 -1.10
C SER A 470 -12.99 -0.10 -0.81
N SER A 471 -11.89 -0.86 -0.69
CA SER A 471 -10.59 -0.26 -0.36
C SER A 471 -9.66 -0.01 -1.55
N SER A 472 -10.12 -0.28 -2.78
CA SER A 472 -9.31 0.01 -3.96
C SER A 472 -9.15 1.51 -4.13
N LEU A 473 -8.12 1.94 -4.87
CA LEU A 473 -7.94 3.36 -5.17
C LEU A 473 -9.15 3.90 -5.93
N LEU A 474 -9.71 3.11 -6.82
CA LEU A 474 -10.88 3.56 -7.60
C LEU A 474 -12.07 3.89 -6.70
N ASN A 475 -12.41 2.96 -5.82
CA ASN A 475 -13.53 3.20 -4.92
C ASN A 475 -13.24 4.30 -3.90
N TRP A 476 -11.99 4.40 -3.44
CA TRP A 476 -11.61 5.50 -2.58
C TRP A 476 -11.81 6.84 -3.30
N THR A 477 -11.36 6.92 -4.56
CA THR A 477 -11.48 8.15 -5.34
C THR A 477 -12.95 8.51 -5.57
N ARG A 478 -13.75 7.51 -5.96
CA ARG A 478 -15.18 7.73 -6.13
C ARG A 478 -15.84 8.24 -4.86
N ASN A 479 -15.46 7.67 -3.71
CA ASN A 479 -16.06 8.12 -2.46
CA ASN A 479 -16.06 8.12 -2.46
C ASN A 479 -15.68 9.56 -2.13
N MET A 480 -14.42 9.92 -2.36
CA MET A 480 -13.98 11.30 -2.14
C MET A 480 -14.75 12.29 -3.00
N LEU A 481 -15.01 11.92 -4.27
CA LEU A 481 -15.83 12.76 -5.14
C LEU A 481 -17.26 12.92 -4.60
N ALA A 482 -17.82 11.84 -4.07
CA ALA A 482 -19.17 11.87 -3.52
C ALA A 482 -19.22 12.80 -2.30
N VAL A 483 -18.21 12.70 -1.44
CA VAL A 483 -18.10 13.54 -0.26
C VAL A 483 -17.97 15.01 -0.64
N ARG A 484 -17.09 15.30 -1.59
CA ARG A 484 -16.89 16.67 -2.04
C ARG A 484 -18.18 17.27 -2.57
N SER A 485 -18.95 16.45 -3.28
CA SER A 485 -20.16 16.94 -3.96
C SER A 485 -21.23 17.35 -2.97
N ARG A 486 -21.13 16.86 -1.74
CA ARG A 486 -22.14 17.16 -0.72
C ARG A 486 -21.81 18.40 0.12
N HIS A 487 -20.70 19.06 -0.20
CA HIS A 487 -20.30 20.27 0.52
C HIS A 487 -19.92 21.39 -0.43
N ASP A 488 -20.79 22.40 -0.54
CA ASP A 488 -20.53 23.52 -1.45
C ASP A 488 -19.27 24.30 -1.08
N ALA A 489 -18.86 24.21 0.18
CA ALA A 489 -17.67 24.90 0.66
C ALA A 489 -16.41 24.57 -0.16
N PHE A 490 -16.28 23.32 -0.59
CA PHE A 490 -15.11 22.93 -1.38
C PHE A 490 -15.07 23.64 -2.73
N ALA A 491 -16.24 23.89 -3.32
CA ALA A 491 -16.32 24.49 -4.66
C ALA A 491 -16.23 26.01 -4.66
N VAL A 492 -16.97 26.64 -3.75
CA VAL A 492 -17.12 28.09 -3.79
C VAL A 492 -16.89 28.76 -2.44
N GLY A 493 -16.45 27.98 -1.46
CA GLY A 493 -16.22 28.53 -0.13
C GLY A 493 -15.02 29.44 -0.03
N THR A 494 -14.97 30.25 1.02
CA THR A 494 -13.77 31.01 1.33
C THR A 494 -12.63 30.04 1.69
N PHE A 495 -11.42 30.57 1.81
CA PHE A 495 -10.26 29.78 2.19
C PHE A 495 -9.50 30.47 3.33
N ARG A 496 -9.47 29.85 4.50
CA ARG A 496 -8.71 30.41 5.62
C ARG A 496 -7.66 29.44 6.12
N GLU A 497 -6.40 29.77 5.89
CA GLU A 497 -5.27 29.00 6.39
C GLU A 497 -5.13 29.23 7.90
N LEU A 498 -5.03 28.15 8.65
CA LEU A 498 -5.09 28.24 10.11
C LEU A 498 -3.74 28.39 10.80
N GLY A 499 -2.65 28.26 10.04
CA GLY A 499 -1.33 28.29 10.63
C GLY A 499 -1.14 27.09 11.53
N GLY A 500 -0.81 27.34 12.79
CA GLY A 500 -0.67 26.27 13.77
C GLY A 500 0.77 26.04 14.21
N SER A 501 0.92 25.25 15.26
CA SER A 501 2.22 24.95 15.86
C SER A 501 3.24 24.34 14.91
N ASN A 502 2.76 23.49 14.00
CA ASN A 502 3.62 22.59 13.25
C ASN A 502 3.70 22.97 11.77
N PRO A 503 4.89 23.36 11.29
CA PRO A 503 5.06 23.75 9.89
C PRO A 503 4.97 22.58 8.92
N SER A 504 4.96 21.34 9.43
CA SER A 504 4.84 20.16 8.58
C SER A 504 3.39 19.86 8.21
N VAL A 505 2.45 20.55 8.87
CA VAL A 505 1.03 20.29 8.64
C VAL A 505 0.32 21.49 8.03
N LEU A 506 -0.47 21.26 6.99
CA LEU A 506 -1.25 22.33 6.36
C LEU A 506 -2.71 22.16 6.75
N ALA A 507 -3.23 23.15 7.47
CA ALA A 507 -4.62 23.09 7.92
C ALA A 507 -5.38 24.31 7.43
N TYR A 508 -6.60 24.10 6.98
CA TYR A 508 -7.43 25.22 6.52
C TYR A 508 -8.91 24.94 6.69
N ILE A 509 -9.69 26.02 6.63
CA ILE A 509 -11.14 25.93 6.66
C ILE A 509 -11.73 26.49 5.36
N ARG A 510 -12.72 25.78 4.82
CA ARG A 510 -13.48 26.28 3.68
C ARG A 510 -14.88 26.58 4.21
N GLU A 511 -15.41 27.75 3.88
CA GLU A 511 -16.71 28.12 4.43
C GLU A 511 -17.57 28.86 3.42
N VAL A 512 -18.86 28.57 3.43
CA VAL A 512 -19.81 29.33 2.64
C VAL A 512 -21.03 29.66 3.51
N THR A 513 -21.59 30.84 3.33
CA THR A 513 -22.78 31.25 4.09
C THR A 513 -23.98 31.48 3.18
N THR A 523 -23.30 28.27 6.97
CA THR A 523 -24.13 27.08 7.04
C THR A 523 -23.39 25.79 6.64
N ASP A 524 -22.35 25.91 5.81
CA ASP A 524 -21.50 24.77 5.46
C ASP A 524 -20.03 25.10 5.71
N ALA A 525 -19.45 24.48 6.74
CA ALA A 525 -18.05 24.74 7.08
C ALA A 525 -17.28 23.44 7.23
N VAL A 526 -16.12 23.36 6.58
CA VAL A 526 -15.30 22.15 6.59
C VAL A 526 -13.85 22.45 6.99
N LEU A 527 -13.28 21.53 7.77
CA LEU A 527 -11.90 21.66 8.21
C LEU A 527 -11.06 20.56 7.55
N CYS A 528 -9.98 20.95 6.88
CA CYS A 528 -9.06 20.03 6.24
C CYS A 528 -7.67 20.16 6.85
N VAL A 529 -7.11 19.02 7.24
CA VAL A 529 -5.77 18.99 7.83
C VAL A 529 -4.92 17.98 7.06
N ASN A 530 -3.72 18.39 6.65
CA ASN A 530 -2.88 17.59 5.76
C ASN A 530 -1.45 17.47 6.26
N ASN A 531 -0.97 16.24 6.43
CA ASN A 531 0.40 16.03 6.93
C ASN A 531 1.39 15.88 5.79
N LEU A 532 2.24 16.89 5.60
CA LEU A 532 3.24 16.86 4.55
C LEU A 532 4.49 16.03 4.90
N SER A 533 4.59 15.61 6.16
CA SER A 533 5.73 14.79 6.63
C SER A 533 5.49 13.30 6.46
N ARG A 534 6.56 12.53 6.20
CA ARG A 534 6.40 11.08 6.10
C ARG A 534 6.21 10.41 7.46
N PHE A 535 6.40 11.16 8.53
CA PHE A 535 6.26 10.64 9.90
C PHE A 535 4.99 11.19 10.57
N PRO A 536 4.47 10.49 11.60
CA PRO A 536 3.33 11.01 12.36
C PRO A 536 3.59 12.40 12.95
N GLN A 537 2.57 13.26 12.94
CA GLN A 537 2.72 14.65 13.38
C GLN A 537 1.52 15.10 14.21
N PRO A 538 1.78 15.85 15.29
CA PRO A 538 0.70 16.46 16.05
C PRO A 538 0.48 17.89 15.58
N ILE A 539 -0.74 18.40 15.64
CA ILE A 539 -0.95 19.82 15.40
C ILE A 539 -1.99 20.38 16.35
N GLU A 540 -1.66 21.52 16.96
CA GLU A 540 -2.60 22.20 17.84
C GLU A 540 -3.13 23.42 17.11
N LEU A 541 -4.45 23.45 16.96
CA LEU A 541 -5.11 24.49 16.18
C LEU A 541 -5.93 25.41 17.09
N ASN A 542 -5.82 26.72 16.87
CA ASN A 542 -6.69 27.68 17.53
C ASN A 542 -8.02 27.78 16.79
N LEU A 543 -9.01 27.03 17.27
CA LEU A 543 -10.31 26.97 16.61
C LEU A 543 -11.36 27.69 17.44
N GLN A 544 -10.93 28.65 18.26
CA GLN A 544 -11.82 29.32 19.21
C GLN A 544 -13.06 29.91 18.55
N GLN A 545 -12.89 30.47 17.35
CA GLN A 545 -14.00 31.07 16.61
C GLN A 545 -15.15 30.10 16.36
N TRP A 546 -14.85 28.80 16.39
CA TRP A 546 -15.84 27.76 16.21
C TRP A 546 -16.07 26.97 17.50
N ALA A 547 -15.76 27.57 18.64
CA ALA A 547 -15.95 26.88 19.92
C ALA A 547 -17.38 26.37 20.05
N GLY A 548 -17.53 25.17 20.61
CA GLY A 548 -18.84 24.54 20.71
C GLY A 548 -19.18 23.65 19.52
N TYR A 549 -18.64 23.96 18.35
CA TYR A 549 -18.90 23.14 17.16
C TYR A 549 -18.35 21.72 17.29
N ILE A 550 -19.01 20.78 16.61
CA ILE A 550 -18.60 19.39 16.67
C ILE A 550 -17.99 18.96 15.33
N PRO A 551 -16.70 18.60 15.33
CA PRO A 551 -16.09 18.12 14.08
C PRO A 551 -16.59 16.70 13.79
N VAL A 552 -17.19 16.49 12.62
CA VAL A 552 -17.63 15.17 12.22
C VAL A 552 -16.77 14.73 11.04
N GLU A 553 -16.02 13.65 11.22
CA GLU A 553 -15.11 13.19 10.15
C GLU A 553 -15.94 12.68 8.98
N MET A 554 -15.58 13.07 7.76
CA MET A 554 -16.49 12.92 6.63
C MET A 554 -16.59 11.53 5.98
N THR A 555 -15.65 10.64 6.26
CA THR A 555 -15.72 9.30 5.66
C THR A 555 -16.47 8.29 6.55
N GLY A 556 -16.24 8.36 7.86
CA GLY A 556 -16.91 7.45 8.77
C GLY A 556 -18.00 8.07 9.62
N TYR A 557 -18.14 9.39 9.52
CA TYR A 557 -19.14 10.16 10.28
C TYR A 557 -18.99 10.12 11.79
N VAL A 558 -17.81 9.72 12.27
CA VAL A 558 -17.57 9.70 13.71
C VAL A 558 -17.50 11.12 14.26
N GLU A 559 -18.21 11.36 15.36
CA GLU A 559 -18.17 12.67 15.99
C GLU A 559 -16.94 12.82 16.90
N PHE A 560 -16.16 13.86 16.64
CA PHE A 560 -14.96 14.14 17.44
C PHE A 560 -15.32 15.07 18.59
N PRO A 561 -14.44 15.15 19.61
CA PRO A 561 -14.66 16.05 20.75
C PRO A 561 -15.00 17.48 20.31
N SER A 562 -15.97 18.11 20.97
CA SER A 562 -16.37 19.46 20.56
C SER A 562 -15.23 20.45 20.78
N ILE A 563 -15.21 21.50 19.97
CA ILE A 563 -14.16 22.52 20.05
C ILE A 563 -14.38 23.41 21.27
N GLY A 564 -13.32 23.60 22.04
CA GLY A 564 -13.37 24.47 23.21
C GLY A 564 -12.46 25.66 23.06
N GLN A 565 -12.01 26.22 24.19
CA GLN A 565 -11.16 27.40 24.17
C GLN A 565 -9.68 27.03 24.20
N LEU A 566 -9.39 25.79 24.57
CA LEU A 566 -8.03 25.28 24.49
C LEU A 566 -7.73 24.86 23.04
N PRO A 567 -6.44 24.92 22.63
CA PRO A 567 -6.08 24.52 21.26
C PRO A 567 -6.46 23.07 21.00
N TYR A 568 -6.94 22.79 19.79
CA TYR A 568 -7.46 21.47 19.45
C TYR A 568 -6.33 20.61 18.89
N LEU A 569 -6.03 19.52 19.56
CA LEU A 569 -4.97 18.62 19.11
C LEU A 569 -5.49 17.61 18.09
N LEU A 570 -4.88 17.60 16.92
CA LEU A 570 -5.11 16.53 15.96
C LEU A 570 -3.78 15.83 15.70
N THR A 571 -3.84 14.51 15.56
CA THR A 571 -2.64 13.73 15.31
C THR A 571 -2.83 12.96 13.99
N LEU A 572 -1.86 13.07 13.09
CA LEU A 572 -1.93 12.44 11.78
C LEU A 572 -0.77 11.48 11.54
N PRO A 573 -1.04 10.35 10.84
CA PRO A 573 0.05 9.46 10.41
C PRO A 573 0.81 10.13 9.28
N GLY A 574 1.97 9.60 8.92
CA GLY A 574 2.73 10.13 7.81
C GLY A 574 1.91 10.25 6.53
N HIS A 575 1.97 11.43 5.91
CA HIS A 575 1.21 11.73 4.69
C HIS A 575 -0.31 11.58 4.78
N GLY A 576 -0.84 11.63 6.00
CA GLY A 576 -2.27 11.45 6.22
C GLY A 576 -3.03 12.76 6.08
N PHE A 577 -4.35 12.66 6.02
CA PHE A 577 -5.19 13.86 6.02
C PHE A 577 -6.53 13.52 6.66
N TYR A 578 -7.25 14.55 7.11
CA TYR A 578 -8.62 14.39 7.59
C TYR A 578 -9.46 15.52 7.01
N TRP A 579 -10.71 15.21 6.70
CA TRP A 579 -11.72 16.21 6.36
C TRP A 579 -12.79 16.16 7.45
N PHE A 580 -13.10 17.31 8.05
CA PHE A 580 -14.15 17.38 9.06
C PHE A 580 -15.25 18.37 8.65
N GLN A 581 -16.49 17.97 8.84
CA GLN A 581 -17.58 18.93 8.76
C GLN A 581 -17.72 19.55 10.14
N LEU A 582 -17.70 20.88 10.22
CA LEU A 582 -17.90 21.56 11.49
C LEU A 582 -19.39 21.79 11.73
N ARG A 583 -19.97 20.95 12.58
CA ARG A 583 -21.41 20.97 12.81
C ARG A 583 -21.82 21.88 13.97
N GLU A 584 -22.81 22.73 13.71
CA GLU A 584 -23.39 23.61 14.72
C GLU A 584 -24.00 22.81 15.87
N PRO A 585 -23.78 23.27 17.11
CA PRO A 585 -24.32 22.61 18.31
C PRO A 585 -25.83 22.79 18.41
N ASP A 586 -26.51 21.88 19.10
CA ASP A 586 -27.93 22.03 19.37
C ASP A 586 -28.16 23.25 20.26
N HIS B 17 23.35 -45.33 16.66
CA HIS B 17 23.31 -43.86 16.65
C HIS B 17 24.71 -43.27 16.54
N PRO B 18 24.85 -42.19 15.73
CA PRO B 18 26.09 -41.40 15.74
C PRO B 18 26.37 -40.81 17.12
N ASN B 19 27.64 -40.55 17.40
CA ASN B 19 28.02 -39.82 18.60
C ASN B 19 28.41 -38.39 18.23
N ALA B 20 28.05 -37.43 19.07
CA ALA B 20 28.35 -36.02 18.79
C ALA B 20 29.85 -35.76 18.67
N GLU B 21 30.64 -36.62 19.30
CA GLU B 21 32.10 -36.50 19.32
C GLU B 21 32.76 -36.54 17.94
N ASP B 22 32.18 -37.31 17.03
CA ASP B 22 32.74 -37.52 15.70
C ASP B 22 32.38 -36.36 14.76
N PHE B 23 31.48 -35.50 15.22
CA PHE B 23 31.18 -34.27 14.49
C PHE B 23 31.89 -33.09 15.16
N GLY B 24 31.82 -31.92 14.54
CA GLY B 24 32.26 -30.72 15.21
C GLY B 24 31.15 -30.27 16.12
N HIS B 25 31.42 -29.27 16.96
CA HIS B 25 30.33 -28.59 17.65
C HIS B 25 30.43 -27.10 17.35
N ALA B 26 29.34 -26.39 17.55
CA ALA B 26 29.35 -24.95 17.33
C ALA B 26 29.93 -24.24 18.55
N ARG B 27 30.56 -23.08 18.34
CA ARG B 27 30.96 -22.28 19.49
C ARG B 27 29.73 -21.70 20.18
N THR B 28 29.64 -21.91 21.48
CA THR B 28 28.50 -21.45 22.26
C THR B 28 28.55 -19.93 22.46
N LEU B 29 27.40 -19.29 22.32
CA LEU B 29 27.27 -17.87 22.68
C LEU B 29 27.41 -17.75 24.20
N PRO B 30 27.74 -16.55 24.69
CA PRO B 30 27.77 -16.33 26.14
C PRO B 30 26.41 -16.64 26.76
N THR B 31 26.39 -17.30 27.91
CA THR B 31 25.15 -17.68 28.58
C THR B 31 24.28 -16.45 28.93
N ASP B 32 23.00 -16.52 28.54
CA ASP B 32 22.03 -15.45 28.79
C ASP B 32 20.66 -16.08 29.05
N THR B 33 20.36 -16.39 30.31
CA THR B 33 19.16 -17.15 30.64
C THR B 33 17.83 -16.45 30.33
N ASN B 34 17.90 -15.23 29.83
CA ASN B 34 16.69 -14.48 29.49
C ASN B 34 16.57 -14.17 28.01
N TRP B 35 17.49 -14.68 27.18
CA TRP B 35 17.56 -14.27 25.77
C TRP B 35 16.25 -14.45 25.03
N PHE B 36 15.55 -15.53 25.35
CA PHE B 36 14.33 -15.85 24.60
C PHE B 36 13.18 -14.89 24.93
N LYS B 37 13.26 -14.19 26.06
CA LYS B 37 12.24 -13.20 26.38
C LYS B 37 12.39 -11.95 25.52
N HIS B 38 13.61 -11.66 25.08
CA HIS B 38 13.87 -10.47 24.29
C HIS B 38 13.88 -10.76 22.78
N ALA B 39 13.83 -12.04 22.43
CA ALA B 39 14.01 -12.45 21.03
C ALA B 39 12.78 -12.25 20.15
N VAL B 40 13.05 -11.92 18.89
CA VAL B 40 12.07 -12.08 17.82
C VAL B 40 12.53 -13.31 17.03
N PHE B 41 11.63 -14.28 16.88
CA PHE B 41 11.92 -15.52 16.18
C PHE B 41 11.50 -15.40 14.73
N TYR B 42 12.15 -16.16 13.84
CA TYR B 42 11.84 -16.16 12.41
C TYR B 42 11.72 -17.61 12.01
N GLU B 43 10.50 -18.05 11.70
CA GLU B 43 10.29 -19.43 11.29
C GLU B 43 10.62 -19.55 9.81
N VAL B 44 11.62 -20.37 9.51
CA VAL B 44 12.08 -20.50 8.13
C VAL B 44 12.32 -21.98 7.82
N LEU B 45 11.76 -22.45 6.71
CA LEU B 45 11.94 -23.84 6.31
C LEU B 45 13.21 -23.97 5.49
N VAL B 46 14.06 -24.93 5.85
CA VAL B 46 15.28 -25.18 5.09
C VAL B 46 14.97 -25.44 3.61
N ARG B 47 13.91 -26.21 3.33
CA ARG B 47 13.62 -26.57 1.94
C ARG B 47 13.24 -25.36 1.10
N ALA B 48 12.80 -24.29 1.75
CA ALA B 48 12.18 -23.16 1.06
C ALA B 48 13.06 -21.93 0.89
N PHE B 49 14.12 -21.81 1.67
CA PHE B 49 14.80 -20.51 1.74
C PHE B 49 15.78 -20.27 0.60
N TYR B 50 16.75 -21.15 0.42
CA TYR B 50 17.69 -20.95 -0.68
C TYR B 50 18.35 -22.25 -1.13
N ASP B 51 18.28 -22.51 -2.44
CA ASP B 51 18.89 -23.69 -3.02
C ASP B 51 20.28 -23.33 -3.55
N SER B 52 21.32 -23.75 -2.84
CA SER B 52 22.68 -23.39 -3.23
C SER B 52 23.31 -24.36 -4.22
N ASN B 53 22.70 -25.52 -4.44
CA ASN B 53 23.35 -26.54 -5.27
C ASN B 53 22.55 -27.00 -6.48
N ALA B 54 21.57 -26.19 -6.89
CA ALA B 54 20.83 -26.37 -8.15
C ALA B 54 20.11 -27.71 -8.29
N ASP B 55 19.63 -28.26 -7.18
CA ASP B 55 18.81 -29.47 -7.25
C ASP B 55 17.33 -29.17 -7.06
N GLY B 56 16.99 -27.89 -6.90
CA GLY B 56 15.59 -27.48 -6.82
C GLY B 56 15.07 -27.49 -5.40
N ILE B 57 15.95 -27.83 -4.47
CA ILE B 57 15.58 -27.97 -3.07
C ILE B 57 16.46 -27.10 -2.17
N GLY B 58 15.83 -26.35 -1.26
CA GLY B 58 16.57 -25.50 -0.35
C GLY B 58 17.43 -26.35 0.55
N ASP B 59 18.55 -25.79 0.99
CA ASP B 59 19.49 -26.60 1.76
C ASP B 59 20.20 -25.79 2.83
N LEU B 60 20.93 -26.49 3.70
CA LEU B 60 21.57 -25.86 4.85
C LEU B 60 22.63 -24.85 4.43
N ARG B 61 23.40 -25.19 3.41
CA ARG B 61 24.41 -24.26 2.91
CA ARG B 61 24.41 -24.27 2.92
C ARG B 61 23.76 -23.02 2.34
N GLY B 62 22.62 -23.20 1.69
CA GLY B 62 21.88 -22.06 1.13
C GLY B 62 21.39 -21.15 2.24
N LEU B 63 20.83 -21.75 3.29
CA LEU B 63 20.39 -20.97 4.44
C LEU B 63 21.56 -20.21 5.06
N THR B 64 22.72 -20.87 5.14
CA THR B 64 23.93 -20.24 5.67
C THR B 64 24.32 -18.99 4.87
N GLU B 65 24.29 -19.10 3.54
CA GLU B 65 24.58 -17.95 2.69
C GLU B 65 23.60 -16.80 2.88
N LYS B 66 22.36 -17.10 3.27
CA LYS B 66 21.37 -16.05 3.44
C LYS B 66 21.33 -15.46 4.86
N LEU B 67 22.30 -15.83 5.70
CA LEU B 67 22.33 -15.24 7.05
C LEU B 67 22.54 -13.74 7.02
N ASP B 68 23.18 -13.23 5.97
CA ASP B 68 23.36 -11.79 5.86
C ASP B 68 22.04 -11.04 5.80
N TYR B 69 21.09 -11.58 5.04
CA TYR B 69 19.75 -11.03 4.96
C TYR B 69 19.05 -11.13 6.32
N ILE B 70 19.16 -12.29 6.96
CA ILE B 70 18.49 -12.49 8.24
C ILE B 70 19.01 -11.53 9.31
N LYS B 71 20.32 -11.35 9.34
CA LYS B 71 20.93 -10.35 10.23
C LYS B 71 20.43 -8.95 9.91
N TRP B 72 20.42 -8.59 8.63
CA TRP B 72 19.96 -7.27 8.21
C TRP B 72 18.52 -7.04 8.65
N LEU B 73 17.67 -8.06 8.50
CA LEU B 73 16.27 -7.95 8.89
C LEU B 73 16.15 -7.67 10.39
N GLY B 74 17.00 -8.29 11.19
CA GLY B 74 17.10 -7.95 12.60
C GLY B 74 16.40 -8.92 13.54
N VAL B 75 16.18 -10.14 13.08
CA VAL B 75 15.60 -11.16 13.96
C VAL B 75 16.70 -11.83 14.78
N ASP B 76 16.32 -12.40 15.92
CA ASP B 76 17.31 -12.88 16.90
C ASP B 76 17.50 -14.39 16.90
N CYS B 77 16.51 -15.14 16.43
CA CYS B 77 16.60 -16.59 16.47
C CYS B 77 15.82 -17.20 15.31
N LEU B 78 16.45 -18.16 14.62
CA LEU B 78 15.78 -18.92 13.56
C LEU B 78 15.02 -20.06 14.23
N TRP B 79 13.82 -20.33 13.73
CA TRP B 79 13.11 -21.54 14.13
C TRP B 79 12.92 -22.38 12.87
N LEU B 80 13.57 -23.55 12.86
CA LEU B 80 13.54 -24.46 11.72
C LEU B 80 12.56 -25.59 11.99
N PRO B 81 11.55 -25.77 11.13
CA PRO B 81 10.68 -26.95 11.22
C PRO B 81 11.51 -28.22 10.93
N PRO B 82 10.96 -29.41 11.17
CA PRO B 82 11.80 -30.61 11.14
C PRO B 82 12.61 -30.79 9.85
N PHE B 83 13.90 -31.06 10.00
CA PHE B 83 14.76 -31.28 8.85
C PHE B 83 15.47 -32.63 8.91
N TYR B 84 14.97 -33.52 9.78
CA TYR B 84 15.55 -34.84 9.96
C TYR B 84 15.18 -35.75 8.81
N ASP B 85 15.92 -36.85 8.71
CA ASP B 85 15.65 -37.88 7.72
C ASP B 85 14.21 -38.36 7.89
N SER B 86 13.49 -38.50 6.77
CA SER B 86 12.03 -38.69 6.79
C SER B 86 11.54 -39.05 5.40
N PRO B 87 10.51 -39.91 5.31
CA PRO B 87 9.94 -40.18 3.97
C PRO B 87 9.00 -39.06 3.55
N LEU B 88 8.77 -38.09 4.42
CA LEU B 88 8.00 -36.90 4.09
C LEU B 88 6.54 -37.20 3.70
N ARG B 89 5.91 -38.14 4.40
CA ARG B 89 4.49 -38.42 4.16
C ARG B 89 3.60 -37.50 4.96
N ASP B 90 4.16 -36.89 6.01
CA ASP B 90 3.44 -35.86 6.77
C ASP B 90 4.34 -34.66 7.01
N GLY B 91 4.87 -34.11 5.93
CA GLY B 91 5.60 -32.85 5.99
C GLY B 91 6.91 -32.90 6.75
N GLY B 92 7.38 -34.09 7.07
CA GLY B 92 8.61 -34.20 7.83
C GLY B 92 8.38 -34.32 9.33
N TYR B 93 7.12 -34.24 9.75
CA TYR B 93 6.79 -34.50 11.13
C TYR B 93 6.73 -36.01 11.36
N ASP B 94 6.99 -36.79 10.30
CA ASP B 94 7.12 -38.24 10.39
C ASP B 94 8.60 -38.64 10.27
N ILE B 95 9.26 -38.79 11.42
CA ILE B 95 10.72 -38.83 11.45
C ILE B 95 11.29 -40.25 11.38
N ARG B 96 12.23 -40.47 10.46
CA ARG B 96 12.82 -41.80 10.24
C ARG B 96 14.15 -41.99 10.98
N ASP B 97 14.85 -40.90 11.27
CA ASP B 97 16.11 -40.97 12.00
C ASP B 97 16.38 -39.63 12.66
N PHE B 98 16.38 -39.59 14.00
CA PHE B 98 16.59 -38.35 14.75
C PHE B 98 18.02 -37.82 14.67
N TYR B 99 18.97 -38.66 14.25
CA TYR B 99 20.39 -38.29 14.26
C TYR B 99 20.95 -37.92 12.90
N LYS B 100 20.08 -37.80 11.90
CA LYS B 100 20.54 -37.60 10.54
C LYS B 100 19.70 -36.50 9.88
N VAL B 101 20.32 -35.56 9.20
CA VAL B 101 19.50 -34.61 8.43
C VAL B 101 19.09 -35.23 7.10
N LEU B 102 17.91 -34.86 6.62
CA LEU B 102 17.45 -35.31 5.30
C LEU B 102 18.54 -35.01 4.29
N PRO B 103 19.01 -36.05 3.58
CA PRO B 103 20.18 -35.90 2.69
C PRO B 103 20.10 -34.72 1.72
N GLU B 104 18.92 -34.45 1.16
CA GLU B 104 18.76 -33.33 0.23
C GLU B 104 19.05 -31.97 0.85
N PHE B 105 19.00 -31.89 2.19
CA PHE B 105 19.31 -30.66 2.92
C PHE B 105 20.79 -30.50 3.27
N GLY B 106 21.51 -31.61 3.26
CA GLY B 106 22.92 -31.59 3.62
C GLY B 106 23.19 -32.65 4.67
N THR B 107 24.21 -32.42 5.50
CA THR B 107 24.60 -33.36 6.54
C THR B 107 24.66 -32.68 7.90
N VAL B 108 24.88 -33.46 8.96
CA VAL B 108 25.08 -32.90 10.29
C VAL B 108 26.20 -31.83 10.29
N ASP B 109 27.26 -32.08 9.53
CA ASP B 109 28.37 -31.12 9.45
C ASP B 109 27.92 -29.80 8.85
N ASP B 110 26.99 -29.84 7.90
CA ASP B 110 26.46 -28.62 7.33
C ASP B 110 25.66 -27.86 8.37
N PHE B 111 24.99 -28.60 9.26
CA PHE B 111 24.22 -27.97 10.31
C PHE B 111 25.15 -27.26 11.31
N VAL B 112 26.25 -27.92 11.67
CA VAL B 112 27.25 -27.31 12.55
C VAL B 112 27.83 -26.02 11.93
N THR B 113 28.07 -26.07 10.62
CA THR B 113 28.58 -24.89 9.92
C THR B 113 27.56 -23.74 9.95
N LEU B 114 26.29 -24.07 9.76
CA LEU B 114 25.20 -23.10 9.86
C LEU B 114 25.11 -22.50 11.26
N LEU B 115 25.21 -23.35 12.28
CA LEU B 115 25.14 -22.89 13.67
C LEU B 115 26.26 -21.91 13.99
N ASP B 116 27.48 -22.27 13.59
CA ASP B 116 28.65 -21.40 13.81
C ASP B 116 28.46 -20.06 13.15
N ALA B 117 28.04 -20.07 11.89
CA ALA B 117 27.88 -18.84 11.13
C ALA B 117 26.78 -17.98 11.75
N ALA B 118 25.69 -18.62 12.18
CA ALA B 118 24.60 -17.89 12.83
C ALA B 118 25.10 -17.26 14.14
N HIS B 119 25.83 -18.05 14.93
CA HIS B 119 26.33 -17.56 16.21
C HIS B 119 27.30 -16.39 16.05
N ARG B 120 28.11 -16.39 15.00
CA ARG B 120 28.98 -15.26 14.67
C ARG B 120 28.24 -13.93 14.55
N ARG B 121 27.01 -13.98 14.03
CA ARG B 121 26.21 -12.78 13.85
C ARG B 121 25.27 -12.56 15.03
N GLY B 122 25.47 -13.29 16.13
CA GLY B 122 24.65 -13.14 17.32
C GLY B 122 23.26 -13.74 17.15
N ILE B 123 23.12 -14.63 16.19
CA ILE B 123 21.81 -15.23 15.91
C ILE B 123 21.75 -16.66 16.43
N ARG B 124 20.66 -17.03 17.09
CA ARG B 124 20.48 -18.38 17.62
C ARG B 124 19.60 -19.23 16.71
N ILE B 125 19.59 -20.54 16.94
CA ILE B 125 18.75 -21.45 16.16
C ILE B 125 18.03 -22.44 17.05
N ILE B 126 16.71 -22.57 16.90
CA ILE B 126 15.98 -23.69 17.52
C ILE B 126 15.32 -24.52 16.42
N THR B 127 14.98 -25.77 16.72
CA THR B 127 14.23 -26.58 15.75
C THR B 127 13.06 -27.33 16.37
N ASP B 128 12.12 -27.74 15.52
CA ASP B 128 11.01 -28.59 15.96
C ASP B 128 11.58 -29.98 16.26
N LEU B 129 11.10 -30.60 17.33
CA LEU B 129 11.45 -31.99 17.62
C LEU B 129 10.18 -32.72 18.04
N VAL B 130 9.77 -33.69 17.23
CA VAL B 130 8.54 -34.44 17.52
C VAL B 130 8.85 -35.52 18.55
N MET B 131 8.25 -35.40 19.72
CA MET B 131 8.51 -36.31 20.84
C MET B 131 7.56 -37.51 20.88
N ASN B 132 6.36 -37.36 20.32
CA ASN B 132 5.29 -38.34 20.55
C ASN B 132 5.40 -39.61 19.71
N HIS B 133 6.03 -39.51 18.54
CA HIS B 133 5.94 -40.58 17.57
C HIS B 133 7.06 -40.52 16.54
N THR B 134 7.30 -41.63 15.86
CA THR B 134 8.26 -41.66 14.77
C THR B 134 7.54 -42.13 13.53
N SER B 135 8.23 -42.05 12.39
CA SER B 135 7.75 -42.70 11.18
C SER B 135 7.76 -44.21 11.39
N ASP B 136 6.89 -44.92 10.69
CA ASP B 136 6.95 -46.39 10.75
C ASP B 136 8.17 -46.93 10.01
N GLN B 137 8.91 -46.05 9.34
CA GLN B 137 10.13 -46.44 8.65
C GLN B 137 11.37 -46.35 9.56
N HIS B 138 11.17 -45.82 10.76
CA HIS B 138 12.25 -45.72 11.75
C HIS B 138 12.69 -47.14 12.11
N GLU B 139 13.99 -47.35 12.29
CA GLU B 139 14.49 -48.69 12.57
C GLU B 139 13.99 -49.28 13.89
N TRP B 140 13.72 -48.41 14.87
CA TRP B 140 13.13 -48.86 16.13
C TRP B 140 11.81 -49.56 15.86
N PHE B 141 11.02 -49.03 14.95
CA PHE B 141 9.72 -49.62 14.68
C PHE B 141 9.84 -50.88 13.85
N GLN B 142 10.78 -50.90 12.91
CA GLN B 142 10.99 -52.11 12.13
C GLN B 142 11.49 -53.25 13.02
N GLU B 143 12.36 -52.92 13.96
CA GLU B 143 12.82 -53.89 14.95
C GLU B 143 11.71 -54.30 15.92
N SER B 144 10.88 -53.33 16.29
CA SER B 144 9.77 -53.59 17.21
C SER B 144 8.76 -54.59 16.64
N ARG B 145 8.46 -54.48 15.35
CA ARG B 145 7.44 -55.33 14.75
C ARG B 145 7.99 -56.67 14.25
N HIS B 146 9.29 -56.70 13.95
CA HIS B 146 9.91 -57.94 13.46
C HIS B 146 10.47 -58.78 14.62
N ASN B 147 10.86 -58.11 15.69
CA ASN B 147 11.50 -58.76 16.83
C ASN B 147 10.89 -58.32 18.16
N PRO B 148 9.66 -58.80 18.45
CA PRO B 148 8.81 -58.40 19.59
C PRO B 148 9.45 -58.61 20.96
N ASP B 149 10.29 -59.63 21.10
CA ASP B 149 10.94 -59.88 22.38
C ASP B 149 12.40 -59.38 22.39
N GLY B 150 12.75 -58.60 21.37
CA GLY B 150 14.01 -57.90 21.34
C GLY B 150 13.95 -56.61 22.14
N PRO B 151 15.07 -55.86 22.18
CA PRO B 151 15.15 -54.64 22.98
C PRO B 151 14.22 -53.52 22.52
N TYR B 152 13.66 -53.62 21.31
CA TYR B 152 12.72 -52.59 20.82
C TYR B 152 11.27 -53.06 20.84
N GLY B 153 11.07 -54.27 21.35
CA GLY B 153 9.73 -54.86 21.41
C GLY B 153 8.69 -54.00 22.09
N ASP B 154 9.09 -53.29 23.15
CA ASP B 154 8.17 -52.43 23.88
C ASP B 154 8.49 -50.96 23.66
N PHE B 155 9.10 -50.63 22.51
CA PHE B 155 9.41 -49.23 22.23
C PHE B 155 8.15 -48.52 21.74
N TYR B 156 7.18 -49.32 21.31
CA TYR B 156 5.90 -48.79 20.83
C TYR B 156 4.76 -49.42 21.64
N VAL B 157 3.54 -49.00 21.37
CA VAL B 157 2.38 -49.37 22.19
C VAL B 157 1.56 -50.42 21.45
N TRP B 158 1.70 -51.67 21.86
CA TRP B 158 1.11 -52.81 21.15
C TRP B 158 -0.02 -53.48 21.93
N SER B 159 -1.00 -54.05 21.22
CA SER B 159 -2.14 -54.71 21.85
C SER B 159 -2.78 -55.77 20.95
N ASP B 160 -3.37 -56.80 21.54
CA ASP B 160 -4.05 -57.82 20.75
C ASP B 160 -5.42 -57.33 20.28
N THR B 161 -5.89 -56.24 20.88
CA THR B 161 -7.19 -55.66 20.50
C THR B 161 -7.07 -54.17 20.18
N SER B 162 -8.15 -53.60 19.67
CA SER B 162 -8.21 -52.17 19.39
C SER B 162 -9.19 -51.50 20.36
N ASP B 163 -9.28 -52.02 21.59
CA ASP B 163 -10.30 -51.58 22.54
C ASP B 163 -9.79 -50.63 23.61
N ARG B 164 -8.48 -50.58 23.81
CA ARG B 164 -7.91 -49.73 24.85
C ARG B 164 -8.03 -48.24 24.53
N TYR B 165 -8.04 -47.42 25.58
CA TYR B 165 -8.09 -45.96 25.45
C TYR B 165 -9.26 -45.43 24.60
N PRO B 166 -10.50 -45.92 24.86
CA PRO B 166 -11.59 -45.52 23.97
C PRO B 166 -12.02 -44.06 24.13
N ASP B 167 -11.63 -43.39 25.21
CA ASP B 167 -12.06 -42.01 25.41
C ASP B 167 -11.20 -40.98 24.68
N ALA B 168 -10.11 -41.44 24.07
CA ALA B 168 -9.24 -40.55 23.30
C ALA B 168 -9.84 -40.30 21.92
N ARG B 169 -10.01 -39.03 21.55
CA ARG B 169 -10.56 -38.74 20.22
C ARG B 169 -9.59 -39.15 19.12
N ILE B 170 -10.11 -39.30 17.90
CA ILE B 170 -9.23 -39.45 16.74
C ILE B 170 -8.97 -38.04 16.21
N ILE B 171 -7.72 -37.59 16.29
CA ILE B 171 -7.37 -36.24 15.83
C ILE B 171 -7.75 -36.04 14.37
N PHE B 172 -7.29 -36.94 13.50
CA PHE B 172 -7.57 -36.83 12.08
C PHE B 172 -8.79 -37.67 11.70
N VAL B 173 -9.94 -37.28 12.25
CA VAL B 173 -11.16 -38.09 12.19
C VAL B 173 -11.68 -38.37 10.78
N ASP B 174 -11.35 -37.50 9.83
CA ASP B 174 -11.80 -37.70 8.45
C ASP B 174 -10.88 -38.60 7.64
N THR B 175 -9.73 -38.94 8.21
CA THR B 175 -8.71 -39.73 7.51
C THR B 175 -8.44 -41.09 8.16
N GLU B 176 -8.41 -41.12 9.50
CA GLU B 176 -8.08 -42.34 10.24
C GLU B 176 -9.33 -42.95 10.85
N GLU B 177 -9.54 -44.24 10.60
CA GLU B 177 -10.71 -44.93 11.12
C GLU B 177 -10.58 -45.28 12.62
N SER B 178 -9.35 -45.28 13.11
CA SER B 178 -9.08 -45.66 14.50
C SER B 178 -7.70 -45.19 14.95
N ASN B 179 -7.52 -45.07 16.26
CA ASN B 179 -6.21 -44.77 16.82
C ASN B 179 -5.35 -46.03 16.94
N TRP B 180 -5.94 -47.19 16.62
CA TRP B 180 -5.21 -48.45 16.58
C TRP B 180 -5.11 -48.96 15.14
N THR B 181 -3.93 -49.43 14.75
CA THR B 181 -3.76 -50.01 13.42
C THR B 181 -3.15 -51.41 13.54
N PHE B 182 -3.73 -52.36 12.79
CA PHE B 182 -3.21 -53.73 12.79
C PHE B 182 -1.98 -53.86 11.89
N ASP B 183 -0.87 -54.31 12.47
CA ASP B 183 0.36 -54.50 11.71
C ASP B 183 0.44 -55.91 11.13
N PRO B 184 0.55 -56.01 9.79
CA PRO B 184 0.60 -57.30 9.08
C PRO B 184 1.76 -58.23 9.48
N VAL B 185 2.87 -57.67 9.95
CA VAL B 185 4.05 -58.47 10.34
C VAL B 185 3.96 -58.99 11.77
N ARG B 186 3.68 -58.09 12.72
CA ARG B 186 3.63 -58.47 14.14
C ARG B 186 2.27 -59.08 14.52
N ARG B 187 1.25 -58.83 13.70
CA ARG B 187 -0.10 -59.35 13.95
C ARG B 187 -0.68 -58.88 15.29
N GLN B 188 -0.40 -57.64 15.64
CA GLN B 188 -1.03 -56.99 16.77
C GLN B 188 -1.34 -55.56 16.33
N PHE B 189 -2.17 -54.85 17.09
CA PHE B 189 -2.46 -53.44 16.81
C PHE B 189 -1.42 -52.53 17.48
N TYR B 190 -1.08 -51.42 16.82
CA TYR B 190 -0.26 -50.39 17.46
C TYR B 190 -1.02 -49.07 17.52
N TRP B 191 -0.70 -48.27 18.54
CA TRP B 191 -1.36 -47.00 18.82
C TRP B 191 -0.69 -45.85 18.05
N HIS B 192 -1.50 -44.92 17.56
CA HIS B 192 -0.98 -43.70 16.93
C HIS B 192 -1.99 -42.58 17.09
N ARG B 193 -1.60 -41.46 17.70
CA ARG B 193 -2.52 -40.33 17.79
C ARG B 193 -2.59 -39.59 16.46
N PHE B 194 -1.54 -39.70 15.66
CA PHE B 194 -1.53 -39.05 14.34
C PHE B 194 -1.78 -40.10 13.25
N PHE B 195 -1.18 -39.95 12.07
CA PHE B 195 -1.48 -40.90 10.99
C PHE B 195 -0.97 -42.31 11.26
N SER B 196 -1.51 -43.29 10.55
CA SER B 196 -1.15 -44.69 10.82
C SER B 196 0.33 -44.94 10.59
N HIS B 197 0.95 -44.16 9.71
CA HIS B 197 2.39 -44.31 9.48
C HIS B 197 3.27 -43.59 10.52
N GLN B 198 2.66 -43.17 11.62
CA GLN B 198 3.36 -42.49 12.71
C GLN B 198 3.09 -43.13 14.07
N PRO B 199 3.62 -44.35 14.30
CA PRO B 199 3.38 -45.06 15.57
C PRO B 199 3.88 -44.28 16.80
N ASP B 200 3.08 -44.28 17.87
CA ASP B 200 3.44 -43.58 19.11
C ASP B 200 4.55 -44.32 19.87
N LEU B 201 5.51 -43.58 20.41
CA LEU B 201 6.53 -44.15 21.28
C LEU B 201 5.92 -44.49 22.66
N ASN B 202 6.43 -45.55 23.29
CA ASN B 202 5.94 -45.98 24.59
C ASN B 202 6.74 -45.39 25.74
N TYR B 203 6.26 -44.28 26.31
CA TYR B 203 7.02 -43.58 27.33
C TYR B 203 6.99 -44.26 28.70
N ASP B 204 6.20 -45.32 28.83
CA ASP B 204 6.19 -46.11 30.06
C ASP B 204 7.40 -47.05 30.13
N ASN B 205 8.10 -47.17 29.01
CA ASN B 205 9.36 -47.91 28.93
C ASN B 205 10.51 -46.93 29.20
N PRO B 206 11.22 -47.11 30.33
CA PRO B 206 12.28 -46.15 30.69
C PRO B 206 13.41 -46.06 29.66
N ALA B 207 13.60 -47.11 28.86
CA ALA B 207 14.58 -47.07 27.78
C ALA B 207 14.19 -46.08 26.68
N VAL B 208 12.88 -45.89 26.48
CA VAL B 208 12.37 -44.91 25.53
C VAL B 208 12.62 -43.50 26.03
N GLN B 209 12.37 -43.28 27.32
CA GLN B 209 12.65 -41.99 27.95
C GLN B 209 14.13 -41.64 27.83
N GLU B 210 15.00 -42.62 28.06
CA GLU B 210 16.44 -42.36 27.95
C GLU B 210 16.85 -42.12 26.50
N ALA B 211 16.26 -42.88 25.58
CA ALA B 211 16.56 -42.72 24.16
C ALA B 211 16.20 -41.32 23.67
N MET B 212 15.07 -40.81 24.13
CA MET B 212 14.65 -39.48 23.70
C MET B 212 15.45 -38.36 24.35
N LEU B 213 15.81 -38.52 25.62
CA LEU B 213 16.75 -37.59 26.26
C LEU B 213 18.08 -37.58 25.51
N ASP B 214 18.53 -38.75 25.04
CA ASP B 214 19.77 -38.83 24.27
C ASP B 214 19.69 -38.08 22.93
N VAL B 215 18.50 -38.05 22.34
CA VAL B 215 18.27 -37.28 21.11
C VAL B 215 18.48 -35.79 21.40
N LEU B 216 17.87 -35.30 22.47
CA LEU B 216 18.03 -33.90 22.86
C LEU B 216 19.50 -33.56 23.06
N ARG B 217 20.22 -34.42 23.77
CA ARG B 217 21.64 -34.18 24.07
C ARG B 217 22.52 -34.16 22.83
N PHE B 218 22.19 -34.99 21.84
CA PHE B 218 22.94 -35.03 20.59
C PHE B 218 22.95 -33.66 19.93
N TRP B 219 21.77 -33.06 19.78
CA TRP B 219 21.68 -31.78 19.09
C TRP B 219 22.20 -30.65 19.97
N LEU B 220 22.00 -30.76 21.28
CA LEU B 220 22.54 -29.76 22.21
C LEU B 220 24.06 -29.78 22.22
N ASP B 221 24.67 -30.97 22.19
CA ASP B 221 26.14 -31.08 22.08
C ASP B 221 26.67 -30.42 20.80
N LEU B 222 25.93 -30.56 19.71
CA LEU B 222 26.29 -29.91 18.46
C LEU B 222 26.28 -28.38 18.62
N GLY B 223 25.36 -27.89 19.44
CA GLY B 223 25.31 -26.47 19.74
C GLY B 223 23.97 -25.79 19.52
N ILE B 224 22.93 -26.57 19.24
CA ILE B 224 21.61 -25.97 19.03
C ILE B 224 21.13 -25.21 20.27
N ASP B 225 20.40 -24.13 20.06
CA ASP B 225 20.04 -23.26 21.15
C ASP B 225 18.75 -23.67 21.84
N GLY B 226 18.05 -24.65 21.27
CA GLY B 226 16.83 -25.14 21.89
C GLY B 226 15.92 -25.86 20.93
N PHE B 227 14.75 -26.24 21.42
CA PHE B 227 13.78 -27.02 20.64
C PHE B 227 12.37 -26.53 20.90
N ARG B 228 11.52 -26.61 19.88
CA ARG B 228 10.09 -26.63 20.12
C ARG B 228 9.71 -28.10 20.18
N LEU B 229 9.23 -28.53 21.35
CA LEU B 229 8.84 -29.92 21.54
C LEU B 229 7.42 -30.14 21.03
N ASP B 230 7.25 -30.99 20.03
CA ASP B 230 5.96 -31.14 19.35
C ASP B 230 5.18 -32.36 19.82
N ALA B 231 3.86 -32.21 19.91
CA ALA B 231 2.94 -33.29 20.27
C ALA B 231 3.13 -33.81 21.70
N VAL B 232 3.74 -32.99 22.57
CA VAL B 232 3.94 -33.41 23.96
C VAL B 232 2.67 -33.74 24.79
N PRO B 233 1.53 -33.07 24.54
CA PRO B 233 0.36 -33.45 25.35
C PRO B 233 -0.06 -34.92 25.22
N TYR B 234 0.40 -35.60 24.17
CA TYR B 234 -0.07 -36.95 23.86
C TYR B 234 0.90 -38.08 24.26
N LEU B 235 1.95 -37.76 25.00
CA LEU B 235 3.01 -38.73 25.29
C LEU B 235 2.48 -39.99 25.96
N PHE B 236 1.90 -39.84 27.15
CA PHE B 236 1.36 -40.97 27.90
C PHE B 236 -0.14 -41.18 27.67
N GLU B 237 -0.56 -42.44 27.73
CA GLU B 237 -1.98 -42.80 27.70
C GLU B 237 -2.35 -43.53 29.00
N ARG B 238 -3.58 -43.35 29.47
CA ARG B 238 -4.10 -44.04 30.66
C ARG B 238 -5.59 -44.33 30.49
N GLU B 239 -6.03 -45.53 30.84
CA GLU B 239 -7.46 -45.84 30.84
C GLU B 239 -8.23 -44.87 31.74
N GLY B 240 -9.46 -44.55 31.36
CA GLY B 240 -10.28 -43.61 32.12
C GLY B 240 -10.02 -42.14 31.84
N THR B 241 -9.06 -41.86 30.95
CA THR B 241 -8.72 -40.48 30.61
C THR B 241 -8.83 -40.31 29.10
N ASN B 242 -8.80 -39.06 28.64
CA ASN B 242 -8.75 -38.80 27.20
C ASN B 242 -7.31 -38.82 26.66
N CYS B 243 -6.38 -39.31 27.48
CA CYS B 243 -4.98 -39.50 27.08
C CYS B 243 -4.29 -38.22 26.59
N GLU B 244 -4.61 -37.10 27.21
CA GLU B 244 -3.88 -35.85 26.97
C GLU B 244 -3.56 -35.22 28.31
N ASN B 245 -2.43 -34.52 28.39
CA ASN B 245 -2.08 -33.72 29.55
C ASN B 245 -1.91 -34.51 30.85
N LEU B 246 -1.55 -35.78 30.76
CA LEU B 246 -1.43 -36.61 31.96
C LEU B 246 -0.24 -36.21 32.85
N PRO B 247 -0.36 -36.47 34.17
CA PRO B 247 0.71 -36.23 35.14
C PRO B 247 2.08 -36.78 34.70
N GLU B 248 2.12 -38.00 34.19
CA GLU B 248 3.39 -38.60 33.76
C GLU B 248 4.02 -37.87 32.57
N THR B 249 3.18 -37.29 31.73
CA THR B 249 3.66 -36.47 30.62
C THR B 249 4.41 -35.24 31.15
N HIS B 250 3.81 -34.53 32.10
CA HIS B 250 4.48 -33.37 32.69
C HIS B 250 5.74 -33.79 33.44
N ALA B 251 5.70 -34.96 34.06
CA ALA B 251 6.87 -35.51 34.75
C ALA B 251 8.05 -35.70 33.79
N PHE B 252 7.79 -36.23 32.60
CA PHE B 252 8.87 -36.37 31.64
C PHE B 252 9.40 -35.02 31.17
N LEU B 253 8.51 -34.04 31.04
CA LEU B 253 8.90 -32.71 30.61
C LEU B 253 9.82 -32.06 31.64
N LYS B 254 9.61 -32.39 32.91
CA LYS B 254 10.49 -31.91 33.97
C LYS B 254 11.90 -32.48 33.83
N ARG B 255 11.99 -33.73 33.36
CA ARG B 255 13.29 -34.36 33.10
C ARG B 255 14.04 -33.64 31.99
N CYS B 256 13.31 -33.23 30.95
CA CYS B 256 13.91 -32.52 29.83
C CYS B 256 14.47 -31.18 30.30
N ARG B 257 13.69 -30.47 31.11
CA ARG B 257 14.08 -29.17 31.62
C ARG B 257 15.28 -29.31 32.55
N LYS B 258 15.26 -30.36 33.37
CA LYS B 258 16.37 -30.59 34.30
C LYS B 258 17.68 -30.87 33.57
N ALA B 259 17.62 -31.78 32.61
CA ALA B 259 18.78 -32.07 31.76
C ALA B 259 19.28 -30.79 31.08
N ILE B 260 18.34 -30.04 30.51
CA ILE B 260 18.65 -28.79 29.82
C ILE B 260 19.39 -27.78 30.69
N ASP B 261 18.89 -27.54 31.90
CA ASP B 261 19.44 -26.48 32.74
C ASP B 261 20.72 -26.89 33.44
N ASP B 262 20.86 -28.19 33.72
CA ASP B 262 22.04 -28.72 34.38
C ASP B 262 23.25 -28.90 33.48
N GLU B 263 23.02 -29.33 32.24
CA GLU B 263 24.11 -29.62 31.32
C GLU B 263 24.31 -28.54 30.27
N TYR B 264 23.25 -27.79 29.96
CA TYR B 264 23.33 -26.79 28.91
C TYR B 264 22.61 -25.49 29.30
N PRO B 265 23.16 -24.77 30.29
CA PRO B 265 22.48 -23.54 30.72
C PRO B 265 22.36 -22.52 29.59
N GLY B 266 21.24 -21.82 29.56
CA GLY B 266 21.04 -20.79 28.55
C GLY B 266 20.35 -21.25 27.28
N ARG B 267 19.86 -22.49 27.26
CA ARG B 267 19.10 -22.98 26.10
C ARG B 267 17.61 -22.88 26.41
N VAL B 268 16.76 -23.26 25.46
CA VAL B 268 15.32 -23.07 25.65
C VAL B 268 14.49 -24.27 25.18
N LEU B 269 13.39 -24.53 25.88
CA LEU B 269 12.38 -25.50 25.45
C LEU B 269 11.05 -24.79 25.22
N LEU B 270 10.49 -24.95 24.03
CA LEU B 270 9.19 -24.36 23.71
C LEU B 270 8.17 -25.49 23.59
N ALA B 271 6.99 -25.31 24.19
CA ALA B 271 5.94 -26.32 24.09
C ALA B 271 4.96 -25.94 23.00
N GLU B 272 4.62 -26.93 22.17
CA GLU B 272 3.52 -26.77 21.20
C GLU B 272 2.31 -27.50 21.77
N ALA B 273 1.50 -26.75 22.50
CA ALA B 273 0.27 -27.30 23.07
C ALA B 273 -0.89 -26.46 22.57
N ASN B 274 -1.65 -27.01 21.62
CA ASN B 274 -2.72 -26.24 20.96
C ASN B 274 -3.98 -26.26 21.82
N GLN B 275 -3.93 -25.54 22.92
CA GLN B 275 -5.00 -25.57 23.93
C GLN B 275 -5.35 -24.18 24.40
N TRP B 276 -6.48 -24.06 25.09
CA TRP B 276 -6.86 -22.79 25.70
C TRP B 276 -5.78 -22.36 26.68
N PRO B 277 -5.48 -21.05 26.76
CA PRO B 277 -4.34 -20.54 27.53
C PRO B 277 -4.31 -20.98 29.00
N ALA B 278 -5.47 -20.98 29.66
CA ALA B 278 -5.54 -21.45 31.04
C ALA B 278 -5.04 -22.89 31.18
N ASP B 279 -5.25 -23.68 30.13
CA ASP B 279 -4.79 -25.07 30.14
C ASP B 279 -3.31 -25.24 29.78
N VAL B 280 -2.74 -24.35 28.98
CA VAL B 280 -1.32 -24.54 28.65
C VAL B 280 -0.38 -24.07 29.75
N VAL B 281 -0.91 -23.25 30.68
CA VAL B 281 -0.11 -22.76 31.83
C VAL B 281 0.62 -23.88 32.55
N ALA B 282 -0.03 -25.06 32.63
CA ALA B 282 0.58 -26.21 33.27
C ALA B 282 1.90 -26.61 32.61
N TYR B 283 2.05 -26.31 31.33
CA TYR B 283 3.26 -26.71 30.60
C TYR B 283 4.50 -25.88 30.94
N PHE B 284 4.32 -24.80 31.69
CA PHE B 284 5.45 -24.04 32.23
C PHE B 284 5.97 -24.70 33.52
N GLY B 285 5.14 -25.54 34.13
CA GLY B 285 5.55 -26.27 35.32
C GLY B 285 5.21 -25.58 36.63
N ASP B 286 5.87 -26.01 37.70
CA ASP B 286 5.58 -25.57 39.06
C ASP B 286 6.00 -24.11 39.30
N PRO B 287 5.01 -23.23 39.57
CA PRO B 287 5.25 -21.80 39.80
C PRO B 287 6.21 -21.57 40.97
N ASP B 288 6.24 -22.53 41.90
CA ASP B 288 7.01 -22.38 43.13
C ASP B 288 8.52 -22.48 42.95
N THR B 289 8.96 -23.24 41.95
CA THR B 289 10.38 -23.33 41.63
C THR B 289 10.74 -22.30 40.56
N GLY B 290 9.75 -21.51 40.16
CA GLY B 290 9.96 -20.50 39.14
C GLY B 290 9.66 -21.04 37.75
N GLY B 291 9.11 -22.25 37.70
CA GLY B 291 8.85 -22.94 36.44
C GLY B 291 9.87 -24.03 36.19
N ASP B 292 9.44 -25.28 36.08
CA ASP B 292 10.38 -26.39 35.92
C ASP B 292 10.05 -27.32 34.76
N GLU B 293 9.27 -26.83 33.80
CA GLU B 293 9.02 -27.56 32.57
C GLU B 293 9.50 -26.73 31.37
N CYS B 294 8.59 -26.36 30.46
CA CYS B 294 9.03 -25.59 29.29
C CYS B 294 9.24 -24.11 29.61
N HIS B 295 10.25 -23.50 29.00
CA HIS B 295 10.49 -22.07 29.20
C HIS B 295 9.41 -21.24 28.51
N MET B 296 8.91 -21.77 27.40
CA MET B 296 7.96 -21.05 26.57
C MET B 296 6.82 -21.93 26.11
N ALA B 297 5.68 -21.32 25.82
CA ALA B 297 4.56 -22.03 25.20
C ALA B 297 3.79 -21.04 24.34
N PHE B 298 3.10 -21.54 23.31
CA PHE B 298 2.38 -20.63 22.41
C PHE B 298 0.97 -20.27 22.86
N HIS B 299 0.63 -19.00 22.64
CA HIS B 299 -0.69 -18.46 22.93
C HIS B 299 -1.50 -18.49 21.63
N PHE B 300 -2.10 -19.64 21.34
CA PHE B 300 -2.78 -19.86 20.06
C PHE B 300 -4.02 -19.00 19.75
N PRO B 301 -4.84 -18.63 20.76
CA PRO B 301 -6.06 -17.89 20.39
C PRO B 301 -5.85 -16.43 20.03
N LEU B 302 -4.63 -15.89 20.18
CA LEU B 302 -4.42 -14.46 19.95
C LEU B 302 -4.80 -13.97 18.54
N MET B 303 -4.27 -14.62 17.51
CA MET B 303 -4.59 -14.22 16.14
C MET B 303 -6.10 -14.34 15.80
N PRO B 304 -6.74 -15.48 16.16
CA PRO B 304 -8.18 -15.54 15.88
C PRO B 304 -8.95 -14.38 16.53
N ARG B 305 -8.59 -14.04 17.76
CA ARG B 305 -9.22 -12.91 18.43
C ARG B 305 -8.88 -11.56 17.80
N ILE B 306 -7.62 -11.35 17.38
CA ILE B 306 -7.29 -10.10 16.72
C ILE B 306 -8.07 -10.03 15.43
N PHE B 307 -8.10 -11.14 14.71
CA PHE B 307 -8.80 -11.19 13.43
C PHE B 307 -10.25 -10.78 13.62
N MET B 308 -10.91 -11.36 14.62
CA MET B 308 -12.30 -11.04 14.91
C MET B 308 -12.51 -9.63 15.43
N ALA B 309 -11.56 -9.12 16.21
CA ALA B 309 -11.62 -7.73 16.70
C ALA B 309 -11.66 -6.73 15.53
N VAL B 310 -10.90 -7.02 14.47
CA VAL B 310 -10.89 -6.14 13.31
C VAL B 310 -12.19 -6.30 12.53
N ARG B 311 -12.61 -7.55 12.33
CA ARG B 311 -13.85 -7.81 11.62
C ARG B 311 -15.03 -7.11 12.31
N ARG B 312 -14.95 -7.04 13.64
CA ARG B 312 -16.00 -6.47 14.48
C ARG B 312 -15.79 -5.00 14.79
N GLU B 313 -14.61 -4.47 14.49
CA GLU B 313 -14.24 -3.11 14.87
C GLU B 313 -14.42 -2.84 16.37
N SER B 314 -13.96 -3.80 17.17
CA SER B 314 -14.12 -3.72 18.62
C SER B 314 -12.91 -4.30 19.32
N ARG B 315 -12.41 -3.62 20.36
CA ARG B 315 -11.22 -4.11 21.08
C ARG B 315 -11.45 -5.35 21.94
N PHE B 316 -12.71 -5.64 22.27
CA PHE B 316 -12.99 -6.64 23.32
C PHE B 316 -12.47 -8.06 23.10
N PRO B 317 -12.54 -8.60 21.87
CA PRO B 317 -12.00 -9.96 21.73
C PRO B 317 -10.52 -10.02 22.09
N ILE B 318 -9.79 -8.93 21.88
CA ILE B 318 -8.39 -8.86 22.28
C ILE B 318 -8.23 -8.56 23.79
N SER B 319 -8.94 -7.54 24.28
CA SER B 319 -8.96 -7.22 25.72
C SER B 319 -9.22 -8.46 26.55
N GLU B 320 -10.23 -9.22 26.14
CA GLU B 320 -10.69 -10.38 26.88
C GLU B 320 -9.69 -11.55 26.94
N ILE B 321 -9.09 -11.97 25.82
CA ILE B 321 -8.19 -13.13 25.96
C ILE B 321 -6.96 -12.80 26.79
N LEU B 322 -6.54 -11.53 26.74
CA LEU B 322 -5.39 -11.10 27.52
C LEU B 322 -5.74 -11.03 29.00
N ALA B 323 -6.88 -10.43 29.32
CA ALA B 323 -7.33 -10.35 30.71
C ALA B 323 -7.55 -11.75 31.32
N GLN B 324 -8.05 -12.68 30.52
CA GLN B 324 -8.36 -14.01 31.03
C GLN B 324 -7.18 -14.98 31.01
N THR B 325 -6.07 -14.56 30.42
CA THR B 325 -4.86 -15.38 30.44
C THR B 325 -4.23 -15.35 31.83
N PRO B 326 -4.11 -16.51 32.48
CA PRO B 326 -3.53 -16.58 33.83
C PRO B 326 -2.05 -16.19 33.84
N PRO B 327 -1.54 -15.71 34.98
CA PRO B 327 -0.12 -15.40 35.11
C PRO B 327 0.75 -16.65 34.99
N ILE B 328 1.97 -16.48 34.51
CA ILE B 328 2.88 -17.61 34.30
C ILE B 328 4.16 -17.39 35.11
N PRO B 329 5.00 -18.44 35.28
CA PRO B 329 6.20 -18.27 36.09
C PRO B 329 7.13 -17.14 35.62
N ASP B 330 7.82 -16.50 36.56
CA ASP B 330 8.74 -15.39 36.28
C ASP B 330 9.75 -15.70 35.18
N THR B 331 10.18 -16.97 35.16
CA THR B 331 11.21 -17.44 34.25
C THR B 331 10.67 -17.61 32.81
N ALA B 332 9.34 -17.66 32.69
CA ALA B 332 8.69 -18.12 31.46
C ALA B 332 8.24 -17.00 30.51
N GLN B 333 7.87 -17.37 29.29
CA GLN B 333 7.40 -16.39 28.29
C GLN B 333 6.40 -17.04 27.34
N TRP B 334 5.34 -16.33 26.98
CA TRP B 334 4.46 -16.80 25.91
C TRP B 334 5.13 -16.57 24.56
N GLY B 335 4.84 -17.45 23.60
CA GLY B 335 5.22 -17.20 22.22
C GLY B 335 3.94 -16.81 21.48
N ILE B 336 4.04 -15.86 20.56
CA ILE B 336 2.86 -15.41 19.82
C ILE B 336 3.17 -15.33 18.33
N PHE B 337 2.15 -15.51 17.51
CA PHE B 337 2.31 -15.49 16.06
C PHE B 337 1.00 -15.23 15.32
N LEU B 338 1.10 -14.75 14.09
CA LEU B 338 -0.07 -14.31 13.35
C LEU B 338 -0.63 -15.43 12.48
N ARG B 339 -0.96 -16.55 13.12
CA ARG B 339 -1.60 -17.67 12.41
C ARG B 339 -2.81 -18.16 13.16
N ASN B 340 -3.78 -18.70 12.42
CA ASN B 340 -5.02 -19.20 13.02
C ASN B 340 -5.01 -20.71 13.24
N HIS B 341 -3.96 -21.38 12.76
CA HIS B 341 -3.87 -22.83 12.90
C HIS B 341 -2.50 -23.30 13.36
N ASP B 342 -2.53 -24.36 14.15
CA ASP B 342 -1.34 -25.13 14.54
C ASP B 342 -0.86 -25.89 13.31
N GLU B 343 0.45 -25.86 13.05
CA GLU B 343 0.98 -26.46 11.83
C GLU B 343 1.02 -27.98 11.83
N LEU B 344 1.02 -28.59 13.02
CA LEU B 344 1.07 -30.05 13.12
C LEU B 344 -0.27 -30.65 12.74
N THR B 345 -1.33 -30.14 13.35
CA THR B 345 -2.67 -30.72 13.22
C THR B 345 -3.64 -29.94 12.32
N LEU B 346 -3.27 -28.70 11.98
CA LEU B 346 -4.11 -27.81 11.17
C LEU B 346 -5.46 -27.52 11.84
N GLU B 347 -5.43 -27.48 13.17
CA GLU B 347 -6.63 -27.15 13.95
C GLU B 347 -6.53 -25.78 14.57
N MET B 348 -7.66 -25.06 14.62
CA MET B 348 -7.70 -23.81 15.38
C MET B 348 -8.16 -24.10 16.79
N VAL B 349 -7.42 -23.57 17.76
CA VAL B 349 -7.75 -23.81 19.16
C VAL B 349 -9.11 -23.19 19.50
N THR B 350 -9.96 -23.95 20.20
CA THR B 350 -11.12 -23.31 20.79
C THR B 350 -11.60 -24.08 22.02
N ASP B 351 -12.64 -23.55 22.65
CA ASP B 351 -13.14 -24.11 23.89
C ASP B 351 -14.60 -23.73 24.03
N GLU B 352 -15.46 -24.73 24.02
CA GLU B 352 -16.90 -24.51 24.09
C GLU B 352 -17.31 -23.75 25.35
N GLU B 353 -16.72 -24.11 26.48
CA GLU B 353 -17.13 -23.49 27.74
C GLU B 353 -16.51 -22.12 28.00
N ARG B 354 -15.24 -21.93 27.63
CA ARG B 354 -14.48 -20.77 28.07
C ARG B 354 -14.20 -19.68 27.04
N ASP B 355 -14.57 -19.93 25.78
CA ASP B 355 -14.38 -18.96 24.69
C ASP B 355 -15.71 -18.32 24.31
N TYR B 356 -15.90 -17.06 24.67
CA TYR B 356 -17.15 -16.37 24.38
C TYR B 356 -17.38 -16.16 22.88
N MET B 357 -16.31 -16.33 22.11
CA MET B 357 -16.37 -16.20 20.65
C MET B 357 -16.55 -17.55 19.93
N TYR B 358 -16.75 -18.61 20.70
CA TYR B 358 -16.82 -19.98 20.16
C TYR B 358 -17.66 -20.15 18.89
N ALA B 359 -18.88 -19.62 18.92
CA ALA B 359 -19.83 -19.81 17.83
C ALA B 359 -19.71 -18.72 16.77
N GLU B 360 -18.93 -17.69 17.07
CA GLU B 360 -18.84 -16.52 16.19
C GLU B 360 -17.92 -16.72 14.98
N TYR B 361 -16.91 -17.57 15.10
CA TYR B 361 -16.00 -17.83 13.99
C TYR B 361 -16.74 -18.39 12.78
N ALA B 362 -17.68 -19.28 13.04
CA ALA B 362 -18.42 -19.95 11.96
C ALA B 362 -19.32 -18.97 11.19
N LYS B 363 -19.55 -17.79 11.77
CA LYS B 363 -20.39 -16.77 11.18
C LYS B 363 -19.62 -15.82 10.26
N ASP B 364 -18.29 -15.91 10.29
CA ASP B 364 -17.46 -15.08 9.42
C ASP B 364 -17.02 -15.89 8.22
N PRO B 365 -17.40 -15.43 7.01
CA PRO B 365 -17.14 -16.20 5.78
C PRO B 365 -15.67 -16.32 5.43
N ARG B 366 -14.83 -15.34 5.79
CA ARG B 366 -13.39 -15.44 5.56
C ARG B 366 -12.80 -16.53 6.48
N MET B 367 -13.19 -16.50 7.74
CA MET B 367 -12.79 -17.50 8.72
C MET B 367 -13.22 -18.89 8.22
N LYS B 368 -14.48 -18.99 7.81
CA LYS B 368 -15.05 -20.26 7.40
C LYS B 368 -14.35 -20.88 6.20
N ALA B 369 -14.03 -20.06 5.21
CA ALA B 369 -13.38 -20.51 3.99
C ALA B 369 -12.01 -21.15 4.22
N ASN B 370 -11.28 -20.64 5.21
CA ASN B 370 -9.93 -21.08 5.49
C ASN B 370 -9.79 -22.13 6.60
N VAL B 371 -10.91 -22.71 7.04
CA VAL B 371 -10.83 -23.72 8.09
C VAL B 371 -9.90 -24.86 7.71
N GLY B 372 -8.88 -25.10 8.54
CA GLY B 372 -7.96 -26.21 8.32
C GLY B 372 -6.86 -25.97 7.30
N ILE B 373 -6.68 -24.72 6.88
CA ILE B 373 -5.68 -24.40 5.89
C ILE B 373 -4.75 -23.30 6.42
N ARG B 374 -3.44 -23.53 6.41
CA ARG B 374 -2.52 -22.44 6.74
C ARG B 374 -2.53 -21.39 5.63
N ARG B 375 -2.64 -20.12 6.01
CA ARG B 375 -2.56 -19.02 5.06
C ARG B 375 -1.50 -18.03 5.56
N ARG B 376 -0.82 -17.38 4.62
CA ARG B 376 0.09 -16.28 4.97
C ARG B 376 -0.67 -15.01 5.37
N LEU B 377 0.05 -14.07 5.96
CA LEU B 377 -0.55 -12.89 6.55
C LEU B 377 -1.25 -12.02 5.51
N ALA B 378 -0.55 -11.70 4.43
CA ALA B 378 -1.13 -10.82 3.41
C ALA B 378 -2.41 -11.42 2.82
N PRO B 379 -2.39 -12.71 2.42
CA PRO B 379 -3.65 -13.30 1.96
C PRO B 379 -4.79 -13.32 3.00
N LEU B 380 -4.47 -13.58 4.26
CA LEU B 380 -5.48 -13.52 5.33
C LEU B 380 -6.13 -12.16 5.41
N LEU B 381 -5.38 -11.12 5.06
CA LEU B 381 -5.87 -9.76 5.19
C LEU B 381 -6.20 -9.15 3.81
N GLU B 382 -6.37 -10.00 2.81
CA GLU B 382 -6.68 -9.57 1.45
C GLU B 382 -5.70 -8.52 0.93
N ASN B 383 -4.43 -8.67 1.30
CA ASN B 383 -3.37 -7.77 0.84
C ASN B 383 -3.56 -6.29 1.19
N ASP B 384 -4.34 -6.02 2.23
CA ASP B 384 -4.55 -4.65 2.67
C ASP B 384 -3.33 -4.20 3.48
N ARG B 385 -2.54 -3.29 2.93
CA ARG B 385 -1.28 -2.86 3.55
C ARG B 385 -1.49 -2.26 4.94
N ASN B 386 -2.52 -1.45 5.11
CA ASN B 386 -2.82 -0.88 6.43
C ASN B 386 -3.09 -1.93 7.51
N GLN B 387 -3.84 -2.98 7.17
CA GLN B 387 -4.09 -4.06 8.10
C GLN B 387 -2.85 -4.89 8.41
N ILE B 388 -2.02 -5.14 7.39
CA ILE B 388 -0.79 -5.90 7.59
C ILE B 388 0.06 -5.17 8.63
N GLU B 389 0.16 -3.84 8.50
CA GLU B 389 0.94 -3.05 9.45
C GLU B 389 0.32 -3.10 10.86
N LEU B 390 -1.00 -2.98 10.94
CA LEU B 390 -1.70 -3.05 12.23
C LEU B 390 -1.49 -4.38 12.94
N PHE B 391 -1.66 -5.49 12.23
CA PHE B 391 -1.50 -6.81 12.84
C PHE B 391 -0.04 -7.02 13.24
N THR B 392 0.88 -6.52 12.41
CA THR B 392 2.29 -6.63 12.71
C THR B 392 2.66 -5.79 13.94
N ALA B 393 2.07 -4.60 14.04
CA ALA B 393 2.32 -3.73 15.20
C ALA B 393 1.86 -4.43 16.48
N LEU B 394 0.67 -5.03 16.43
CA LEU B 394 0.16 -5.78 17.57
C LEU B 394 1.08 -6.94 17.93
N LEU B 395 1.52 -7.70 16.92
CA LEU B 395 2.40 -8.83 17.15
C LEU B 395 3.66 -8.37 17.87
N LEU B 396 4.16 -7.20 17.50
CA LEU B 396 5.43 -6.69 18.04
C LEU B 396 5.33 -5.93 19.37
N SER B 397 4.11 -5.65 19.82
CA SER B 397 3.96 -4.83 21.04
C SER B 397 3.14 -5.49 22.13
N LEU B 398 2.43 -6.57 21.78
CA LEU B 398 1.65 -7.29 22.80
C LEU B 398 2.58 -8.18 23.62
N PRO B 399 2.13 -8.65 24.81
CA PRO B 399 3.06 -9.44 25.62
C PRO B 399 3.41 -10.79 25.00
N GLY B 400 4.67 -11.16 25.10
CA GLY B 400 5.13 -12.42 24.54
C GLY B 400 6.34 -12.20 23.65
N SER B 401 6.91 -13.29 23.17
CA SER B 401 7.99 -13.19 22.20
C SER B 401 7.39 -13.57 20.85
N PRO B 402 7.52 -12.68 19.87
CA PRO B 402 6.84 -12.91 18.57
C PRO B 402 7.66 -13.79 17.62
N VAL B 403 6.93 -14.51 16.77
CA VAL B 403 7.51 -15.31 15.71
C VAL B 403 6.99 -14.74 14.40
N LEU B 404 7.91 -14.31 13.54
CA LEU B 404 7.56 -13.89 12.18
C LEU B 404 7.72 -15.11 11.29
N TYR B 405 6.85 -15.25 10.30
CA TYR B 405 6.97 -16.39 9.39
C TYR B 405 7.66 -15.93 8.10
N TYR B 406 8.62 -16.71 7.58
CA TYR B 406 9.45 -16.27 6.45
C TYR B 406 8.57 -15.82 5.28
N GLY B 407 8.90 -14.68 4.70
CA GLY B 407 8.14 -14.15 3.57
C GLY B 407 7.03 -13.17 3.93
N ASP B 408 6.51 -13.24 5.15
CA ASP B 408 5.48 -12.27 5.54
C ASP B 408 6.04 -10.84 5.54
N GLU B 409 7.35 -10.71 5.75
CA GLU B 409 7.97 -9.37 5.78
C GLU B 409 7.99 -8.69 4.39
N ILE B 410 7.81 -9.45 3.31
CA ILE B 410 7.67 -8.85 1.99
C ILE B 410 6.24 -8.96 1.46
N GLY B 411 5.36 -9.59 2.22
CA GLY B 411 3.97 -9.71 1.81
C GLY B 411 3.74 -10.84 0.83
N MET B 412 4.48 -11.93 0.97
CA MET B 412 4.26 -13.12 0.14
C MET B 412 2.85 -13.66 0.23
N GLY B 413 2.40 -14.27 -0.86
CA GLY B 413 1.11 -14.95 -0.86
C GLY B 413 1.31 -16.42 -0.59
N ASP B 414 0.30 -17.22 -0.89
CA ASP B 414 0.36 -18.65 -0.68
C ASP B 414 -0.28 -19.33 -1.89
N ILE B 415 -0.25 -20.66 -1.92
CA ILE B 415 -0.86 -21.38 -3.04
C ILE B 415 -1.66 -22.52 -2.43
N ILE B 416 -2.95 -22.27 -2.19
CA ILE B 416 -3.72 -23.21 -1.37
C ILE B 416 -3.81 -24.60 -1.96
N TRP B 417 -3.77 -24.69 -3.29
CA TRP B 417 -3.97 -25.99 -3.92
C TRP B 417 -2.83 -26.97 -3.68
N LEU B 418 -1.69 -26.48 -3.18
CA LEU B 418 -0.55 -27.35 -2.94
C LEU B 418 -0.75 -28.25 -1.72
N GLY B 419 -1.70 -27.85 -0.87
CA GLY B 419 -1.98 -28.64 0.33
C GLY B 419 -2.24 -27.76 1.56
N ASP B 420 -2.78 -28.34 2.62
CA ASP B 420 -3.19 -27.53 3.77
C ASP B 420 -2.01 -26.92 4.52
N ARG B 421 -0.86 -27.57 4.47
CA ARG B 421 0.36 -27.03 5.05
C ARG B 421 1.24 -26.42 3.96
N ASP B 422 1.39 -27.13 2.84
CA ASP B 422 2.29 -26.69 1.78
C ASP B 422 1.89 -25.36 1.13
N SER B 423 0.64 -24.95 1.33
CA SER B 423 0.17 -23.64 0.86
C SER B 423 1.14 -22.54 1.23
N VAL B 424 1.67 -22.61 2.45
CA VAL B 424 2.56 -21.54 2.93
C VAL B 424 4.04 -21.90 2.87
N ARG B 425 4.39 -22.95 2.14
CA ARG B 425 5.77 -23.43 2.13
C ARG B 425 6.49 -23.29 0.78
N THR B 426 6.03 -22.36 -0.04
CA THR B 426 6.61 -22.12 -1.37
C THR B 426 7.93 -21.34 -1.24
N PRO B 427 8.76 -21.33 -2.31
CA PRO B 427 10.10 -20.74 -2.16
C PRO B 427 10.10 -19.27 -1.79
N MET B 428 11.09 -18.88 -0.97
CA MET B 428 11.33 -17.48 -0.66
C MET B 428 11.58 -16.72 -1.95
N GLN B 429 10.92 -15.58 -2.12
CA GLN B 429 11.00 -14.81 -3.37
C GLN B 429 12.05 -13.71 -3.26
N TRP B 430 13.25 -14.02 -3.72
CA TRP B 430 14.40 -13.13 -3.57
C TRP B 430 14.50 -12.03 -4.63
N THR B 431 14.15 -12.38 -5.87
CA THR B 431 14.33 -11.48 -7.01
C THR B 431 13.22 -11.75 -8.01
N PRO B 432 13.09 -10.90 -9.05
CA PRO B 432 12.10 -11.22 -10.08
C PRO B 432 12.66 -12.16 -11.15
N ASP B 433 13.82 -12.76 -10.91
CA ASP B 433 14.45 -13.66 -11.87
C ASP B 433 13.77 -15.02 -11.84
N ARG B 434 14.16 -15.86 -12.81
CA ARG B 434 13.88 -17.28 -12.90
C ARG B 434 13.76 -17.94 -11.51
N ASN B 435 12.67 -18.67 -11.24
CA ASN B 435 12.45 -19.32 -9.93
C ASN B 435 12.49 -18.34 -8.74
N ALA B 436 12.21 -17.07 -8.99
CA ALA B 436 12.24 -16.03 -7.95
C ALA B 436 13.61 -15.89 -7.30
N GLY B 437 14.65 -16.30 -8.01
CA GLY B 437 16.01 -16.24 -7.50
C GLY B 437 16.34 -17.25 -6.41
N PHE B 438 15.44 -18.22 -6.20
CA PHE B 438 15.61 -19.22 -5.15
C PHE B 438 16.55 -20.35 -5.58
N SER B 439 16.62 -20.58 -6.90
CA SER B 439 17.36 -21.73 -7.43
C SER B 439 17.79 -21.49 -8.87
N LYS B 440 18.91 -22.11 -9.25
CA LYS B 440 19.37 -22.15 -10.63
C LYS B 440 18.83 -23.35 -11.40
N ALA B 441 18.11 -24.26 -10.73
CA ALA B 441 17.61 -25.48 -11.38
C ALA B 441 16.52 -25.17 -12.38
N THR B 442 16.15 -26.14 -13.22
CA THR B 442 15.00 -25.94 -14.10
C THR B 442 13.75 -25.86 -13.23
N PRO B 443 12.72 -25.12 -13.68
CA PRO B 443 11.52 -24.89 -12.87
C PRO B 443 10.81 -26.19 -12.52
N GLY B 444 10.85 -27.15 -13.45
CA GLY B 444 10.20 -28.43 -13.22
C GLY B 444 10.82 -29.26 -12.11
N ARG B 445 12.02 -28.85 -11.67
CA ARG B 445 12.71 -29.58 -10.61
C ARG B 445 12.59 -28.93 -9.23
N LEU B 446 11.96 -27.76 -9.13
CA LEU B 446 11.73 -27.15 -7.82
C LEU B 446 10.86 -28.05 -6.94
N TYR B 447 11.13 -28.07 -5.63
CA TYR B 447 10.36 -28.89 -4.69
C TYR B 447 8.89 -28.42 -4.69
N LEU B 448 8.70 -27.11 -4.87
CA LEU B 448 7.37 -26.49 -5.03
C LEU B 448 7.57 -25.23 -5.86
N PRO B 449 6.52 -24.79 -6.58
CA PRO B 449 6.71 -23.61 -7.43
C PRO B 449 6.51 -22.31 -6.68
N PRO B 450 7.11 -21.22 -7.19
CA PRO B 450 6.83 -19.91 -6.58
C PRO B 450 5.47 -19.41 -6.99
N ASN B 451 4.99 -18.41 -6.29
CA ASN B 451 3.76 -17.70 -6.67
CA ASN B 451 3.78 -17.75 -6.66
C ASN B 451 3.95 -17.02 -8.02
N GLN B 452 2.96 -17.13 -8.90
CA GLN B 452 3.04 -16.56 -10.26
C GLN B 452 1.87 -15.68 -10.68
N ASP B 453 0.97 -15.36 -9.75
CA ASP B 453 -0.17 -14.51 -10.11
C ASP B 453 0.17 -13.01 -10.10
N ALA B 454 -0.76 -12.18 -10.55
CA ALA B 454 -0.46 -10.76 -10.73
C ALA B 454 -0.30 -10.01 -9.39
N VAL B 455 -0.91 -10.55 -8.34
CA VAL B 455 -0.87 -9.87 -7.04
C VAL B 455 0.36 -10.27 -6.25
N TYR B 456 0.54 -11.57 -6.09
CA TYR B 456 1.59 -12.11 -5.21
C TYR B 456 2.80 -12.68 -5.94
N GLY B 457 2.75 -12.72 -7.27
CA GLY B 457 3.81 -13.37 -8.03
C GLY B 457 5.18 -12.74 -7.87
N TYR B 458 6.23 -13.52 -8.13
CA TYR B 458 7.60 -13.05 -7.88
C TYR B 458 8.05 -11.92 -8.82
N HIS B 459 7.36 -11.74 -9.95
CA HIS B 459 7.69 -10.60 -10.79
C HIS B 459 7.37 -9.28 -10.08
N SER B 460 6.41 -9.33 -9.15
CA SER B 460 5.94 -8.14 -8.42
C SER B 460 6.42 -8.10 -6.97
N VAL B 461 6.42 -9.25 -6.31
CA VAL B 461 6.74 -9.35 -4.88
C VAL B 461 8.02 -10.14 -4.66
N ASN B 462 9.08 -9.43 -4.31
CA ASN B 462 10.36 -10.08 -4.01
C ASN B 462 11.25 -9.15 -3.20
N VAL B 463 12.27 -9.72 -2.57
CA VAL B 463 13.14 -8.95 -1.67
C VAL B 463 13.84 -7.79 -2.38
N GLU B 464 14.40 -8.08 -3.55
CA GLU B 464 15.18 -7.09 -4.29
C GLU B 464 14.37 -5.84 -4.60
N ALA B 465 13.14 -6.03 -5.06
CA ALA B 465 12.26 -4.92 -5.41
C ALA B 465 11.93 -4.06 -4.18
N GLN B 466 11.90 -4.67 -3.01
CA GLN B 466 11.55 -3.93 -1.79
C GLN B 466 12.72 -3.28 -1.07
N LEU B 467 13.94 -3.72 -1.36
CA LEU B 467 15.12 -3.17 -0.68
C LEU B 467 15.33 -1.65 -0.87
N ASP B 468 14.94 -1.13 -2.02
CA ASP B 468 15.24 0.25 -2.37
C ASP B 468 14.41 1.29 -1.61
N SER B 469 13.09 1.26 -1.82
CA SER B 469 12.21 2.23 -1.20
C SER B 469 12.15 2.08 0.30
N SER B 470 12.27 3.21 1.00
CA SER B 470 12.11 3.22 2.45
C SER B 470 10.66 2.93 2.79
N SER B 471 9.79 3.04 1.80
CA SER B 471 8.35 2.87 2.02
C SER B 471 7.82 1.46 1.70
N SER B 472 8.69 0.54 1.32
CA SER B 472 8.26 -0.84 1.06
C SER B 472 7.87 -1.51 2.37
N LEU B 473 7.08 -2.58 2.28
CA LEU B 473 6.71 -3.34 3.46
C LEU B 473 7.94 -3.92 4.13
N LEU B 474 8.91 -4.37 3.34
CA LEU B 474 10.14 -4.93 3.91
C LEU B 474 10.89 -3.90 4.76
N ASN B 475 11.09 -2.71 4.22
CA ASN B 475 11.79 -1.68 4.98
C ASN B 475 11.01 -1.21 6.19
N TRP B 476 9.69 -1.14 6.04
CA TRP B 476 8.85 -0.80 7.19
C TRP B 476 8.97 -1.84 8.30
N THR B 477 8.91 -3.12 7.94
CA THR B 477 9.03 -4.20 8.94
C THR B 477 10.39 -4.18 9.62
N ARG B 478 11.44 -4.01 8.84
CA ARG B 478 12.78 -3.97 9.41
C ARG B 478 12.92 -2.80 10.40
N ASN B 479 12.36 -1.65 10.06
CA ASN B 479 12.42 -0.53 10.98
C ASN B 479 11.62 -0.77 12.26
N MET B 480 10.45 -1.38 12.14
CA MET B 480 9.67 -1.73 13.33
C MET B 480 10.44 -2.68 14.24
N LEU B 481 11.14 -3.64 13.67
CA LEU B 481 11.95 -4.57 14.46
C LEU B 481 13.10 -3.83 15.14
N ALA B 482 13.71 -2.89 14.45
CA ALA B 482 14.79 -2.12 15.06
C ALA B 482 14.26 -1.28 16.23
N VAL B 483 13.14 -0.60 16.02
CA VAL B 483 12.51 0.18 17.09
C VAL B 483 12.20 -0.71 18.30
N ARG B 484 11.61 -1.87 18.05
CA ARG B 484 11.27 -2.78 19.16
C ARG B 484 12.49 -3.20 19.96
N SER B 485 13.59 -3.44 19.24
CA SER B 485 14.78 -3.96 19.88
C SER B 485 15.39 -2.94 20.83
N ARG B 486 15.06 -1.66 20.64
CA ARG B 486 15.62 -0.61 21.47
C ARG B 486 14.76 -0.24 22.69
N HIS B 487 13.64 -0.94 22.86
CA HIS B 487 12.73 -0.62 23.97
C HIS B 487 12.36 -1.88 24.76
N ASP B 488 12.92 -2.03 25.95
CA ASP B 488 12.74 -3.25 26.73
C ASP B 488 11.29 -3.55 27.11
N ALA B 489 10.47 -2.52 27.24
CA ALA B 489 9.08 -2.72 27.67
C ALA B 489 8.29 -3.64 26.72
N PHE B 490 8.64 -3.64 25.44
CA PHE B 490 7.98 -4.56 24.51
C PHE B 490 8.26 -6.02 24.83
N ALA B 491 9.46 -6.32 25.30
CA ALA B 491 9.87 -7.73 25.52
C ALA B 491 9.46 -8.24 26.91
N VAL B 492 9.66 -7.40 27.92
CA VAL B 492 9.50 -7.83 29.31
C VAL B 492 8.72 -6.85 30.16
N GLY B 493 8.05 -5.90 29.54
CA GLY B 493 7.26 -4.92 30.27
C GLY B 493 5.96 -5.49 30.82
N THR B 494 5.39 -4.81 31.82
CA THR B 494 4.04 -5.14 32.28
C THR B 494 3.06 -4.83 31.15
N PHE B 495 1.79 -5.18 31.35
CA PHE B 495 0.74 -4.85 30.38
C PHE B 495 -0.45 -4.20 31.06
N ARG B 496 -0.70 -2.94 30.72
CA ARG B 496 -1.81 -2.21 31.31
C ARG B 496 -2.75 -1.67 30.26
N GLU B 497 -3.90 -2.32 30.14
CA GLU B 497 -4.92 -1.90 29.18
C GLU B 497 -5.62 -0.65 29.71
N LEU B 498 -5.74 0.38 28.87
CA LEU B 498 -6.16 1.70 29.32
C LEU B 498 -7.65 1.99 29.19
N GLY B 499 -8.38 1.05 28.60
CA GLY B 499 -9.80 1.24 28.34
C GLY B 499 -10.02 2.40 27.39
N GLY B 500 -10.86 3.34 27.79
CA GLY B 500 -11.11 4.53 26.98
C GLY B 500 -12.51 4.63 26.40
N SER B 501 -12.89 5.87 26.07
CA SER B 501 -14.20 6.22 25.54
C SER B 501 -14.67 5.37 24.36
N ASN B 502 -13.74 5.07 23.47
CA ASN B 502 -14.06 4.46 22.18
C ASN B 502 -13.76 2.97 22.17
N PRO B 503 -14.79 2.13 22.01
CA PRO B 503 -14.60 0.67 21.99
C PRO B 503 -13.84 0.19 20.74
N SER B 504 -13.70 1.05 19.73
CA SER B 504 -13.03 0.65 18.49
C SER B 504 -11.50 0.76 18.56
N VAL B 505 -10.99 1.29 19.67
CA VAL B 505 -9.56 1.56 19.81
C VAL B 505 -8.96 0.81 21.01
N LEU B 506 -7.90 0.05 20.76
CA LEU B 506 -7.20 -0.66 21.83
C LEU B 506 -5.94 0.11 22.24
N ALA B 507 -5.89 0.54 23.51
CA ALA B 507 -4.75 1.31 24.01
C ALA B 507 -4.16 0.64 25.24
N TYR B 508 -2.84 0.62 25.32
CA TYR B 508 -2.16 0.02 26.48
C TYR B 508 -0.80 0.65 26.72
N ILE B 509 -0.33 0.52 27.95
CA ILE B 509 0.99 0.99 28.33
C ILE B 509 1.77 -0.20 28.84
N ARG B 510 3.06 -0.24 28.53
CA ARG B 510 3.94 -1.30 29.01
C ARG B 510 5.13 -0.71 29.74
N GLU B 511 5.44 -1.28 30.91
CA GLU B 511 6.45 -0.68 31.79
C GLU B 511 7.49 -1.68 32.26
N VAL B 512 8.72 -1.20 32.40
CA VAL B 512 9.84 -1.96 32.95
C VAL B 512 9.95 -1.66 34.45
N THR B 513 10.16 -2.68 35.28
CA THR B 513 10.24 -2.46 36.74
C THR B 513 11.45 -1.66 37.19
N ARG B 514 12.53 -1.72 36.40
CA ARG B 514 13.66 -0.80 36.53
C ARG B 514 14.57 -1.07 37.73
N GLN B 515 15.61 -1.87 37.55
CA GLN B 515 16.52 -2.11 38.68
C GLN B 515 18.01 -1.86 38.38
N GLN B 516 18.59 -0.93 39.12
CA GLN B 516 20.04 -0.74 39.22
C GLN B 516 20.78 -0.42 37.90
N GLY B 517 21.25 0.82 37.78
CA GLY B 517 22.11 1.20 36.67
C GLY B 517 21.41 1.33 35.33
N ASP B 518 20.10 1.62 35.35
CA ASP B 518 19.41 1.97 34.11
C ASP B 518 18.69 3.32 34.24
N GLY B 519 18.03 3.72 33.15
CA GLY B 519 17.48 5.06 33.04
C GLY B 519 17.90 5.63 31.70
N GLY B 520 16.94 5.66 30.78
CA GLY B 520 17.18 6.03 29.40
C GLY B 520 16.00 5.58 28.58
N ALA B 521 16.02 5.89 27.28
CA ALA B 521 14.93 5.52 26.39
C ALA B 521 14.64 4.02 26.43
N LYS B 522 15.70 3.22 26.58
CA LYS B 522 15.57 1.78 26.51
C LYS B 522 14.64 1.22 27.60
N THR B 523 14.57 1.92 28.73
CA THR B 523 13.72 1.46 29.84
C THR B 523 12.53 2.38 30.14
N ASP B 524 12.34 3.42 29.32
CA ASP B 524 11.17 4.28 29.49
C ASP B 524 9.89 3.49 29.18
N ALA B 525 8.77 3.92 29.75
CA ALA B 525 7.49 3.28 29.47
C ALA B 525 7.10 3.54 28.03
N VAL B 526 6.25 2.67 27.48
CA VAL B 526 5.75 2.83 26.11
C VAL B 526 4.21 2.85 26.08
N LEU B 527 3.65 3.67 25.20
CA LEU B 527 2.20 3.75 25.01
C LEU B 527 1.85 3.34 23.59
N CYS B 528 0.97 2.34 23.44
CA CYS B 528 0.54 1.87 22.12
C CYS B 528 -0.96 2.08 21.91
N VAL B 529 -1.34 2.60 20.75
CA VAL B 529 -2.75 2.89 20.47
C VAL B 529 -3.07 2.31 19.08
N ASN B 530 -4.14 1.51 19.01
CA ASN B 530 -4.47 0.74 17.81
C ASN B 530 -5.93 0.89 17.41
N ASN B 531 -6.17 1.36 16.19
CA ASN B 531 -7.54 1.53 15.70
C ASN B 531 -8.05 0.29 14.97
N LEU B 532 -9.03 -0.39 15.55
CA LEU B 532 -9.57 -1.59 14.92
C LEU B 532 -10.67 -1.30 13.89
N SER B 533 -11.11 -0.05 13.84
CA SER B 533 -12.12 0.38 12.86
C SER B 533 -11.49 0.75 11.52
N ARG B 534 -12.23 0.59 10.44
CA ARG B 534 -11.72 0.97 9.12
C ARG B 534 -11.84 2.47 8.88
N PHE B 535 -12.52 3.15 9.80
CA PHE B 535 -12.74 4.60 9.74
C PHE B 535 -11.86 5.35 10.73
N PRO B 536 -11.59 6.64 10.48
CA PRO B 536 -10.84 7.44 11.46
C PRO B 536 -11.57 7.51 12.79
N GLN B 537 -10.84 7.46 13.89
CA GLN B 537 -11.44 7.40 15.23
C GLN B 537 -10.69 8.29 16.21
N PRO B 538 -11.43 8.96 17.10
CA PRO B 538 -10.76 9.68 18.18
C PRO B 538 -10.74 8.77 19.41
N ILE B 539 -9.75 8.94 20.27
CA ILE B 539 -9.84 8.32 21.58
C ILE B 539 -9.29 9.25 22.65
N GLU B 540 -10.01 9.35 23.75
CA GLU B 540 -9.57 10.17 24.87
C GLU B 540 -9.12 9.24 26.01
N LEU B 541 -7.88 9.41 26.43
CA LEU B 541 -7.26 8.51 27.40
C LEU B 541 -7.02 9.19 28.74
N ASN B 542 -7.30 8.48 29.83
CA ASN B 542 -6.97 8.94 31.17
C ASN B 542 -5.55 8.51 31.54
N LEU B 543 -4.60 9.42 31.38
CA LEU B 543 -3.19 9.12 31.56
C LEU B 543 -2.65 9.98 32.71
N GLN B 544 -3.54 10.34 33.63
CA GLN B 544 -3.23 11.32 34.67
C GLN B 544 -2.06 10.88 35.56
N GLN B 545 -1.89 9.58 35.72
CA GLN B 545 -0.74 9.05 36.46
C GLN B 545 0.59 9.39 35.77
N TRP B 546 0.51 9.72 34.48
CA TRP B 546 1.69 10.12 33.72
C TRP B 546 1.71 11.61 33.41
N ALA B 547 0.97 12.37 34.21
CA ALA B 547 0.94 13.83 34.06
C ALA B 547 2.36 14.38 33.97
N GLY B 548 2.58 15.27 33.02
CA GLY B 548 3.90 15.86 32.83
C GLY B 548 4.84 15.11 31.89
N TYR B 549 4.60 13.81 31.66
CA TYR B 549 5.43 13.06 30.73
C TYR B 549 5.22 13.54 29.29
N ILE B 550 6.23 13.34 28.44
CA ILE B 550 6.16 13.77 27.03
C ILE B 550 6.11 12.54 26.13
N PRO B 551 4.97 12.31 25.44
CA PRO B 551 4.91 11.19 24.49
C PRO B 551 5.75 11.56 23.28
N VAL B 552 6.70 10.69 22.92
CA VAL B 552 7.53 10.91 21.74
C VAL B 552 7.24 9.78 20.76
N GLU B 553 6.71 10.11 19.58
CA GLU B 553 6.37 9.03 18.64
C GLU B 553 7.63 8.35 18.14
N MET B 554 7.64 7.02 18.12
CA MET B 554 8.91 6.29 18.02
C MET B 554 9.59 6.28 16.65
N THR B 555 8.82 6.36 15.58
CA THR B 555 9.42 6.28 14.23
C THR B 555 10.03 7.58 13.74
N GLY B 556 9.37 8.71 14.01
CA GLY B 556 9.85 10.00 13.56
C GLY B 556 10.38 10.89 14.69
N TYR B 557 10.23 10.40 15.93
CA TYR B 557 10.79 11.10 17.10
CA TYR B 557 10.70 11.05 17.15
C TYR B 557 10.15 12.45 17.40
N VAL B 558 8.94 12.70 16.92
CA VAL B 558 8.29 13.98 17.18
C VAL B 558 7.68 14.03 18.59
N GLU B 559 7.95 15.11 19.31
CA GLU B 559 7.38 15.29 20.64
C GLU B 559 5.93 15.74 20.55
N PHE B 560 5.05 14.99 21.21
CA PHE B 560 3.64 15.35 21.30
C PHE B 560 3.42 16.17 22.59
N PRO B 561 2.26 16.85 22.69
CA PRO B 561 2.03 17.68 23.88
C PRO B 561 2.13 16.88 25.17
N SER B 562 2.65 17.48 26.23
CA SER B 562 2.78 16.77 27.50
C SER B 562 1.43 16.36 28.06
N ILE B 563 1.43 15.26 28.78
CA ILE B 563 0.22 14.71 29.38
C ILE B 563 -0.21 15.60 30.54
N GLY B 564 -1.50 15.92 30.60
CA GLY B 564 -2.03 16.74 31.67
C GLY B 564 -3.01 15.98 32.54
N GLN B 565 -3.88 16.70 33.23
CA GLN B 565 -4.90 16.09 34.09
C GLN B 565 -6.16 15.82 33.29
N LEU B 566 -6.35 16.56 32.20
CA LEU B 566 -7.47 16.34 31.30
C LEU B 566 -7.24 15.09 30.46
N PRO B 567 -8.33 14.50 29.93
CA PRO B 567 -8.20 13.36 29.00
C PRO B 567 -7.35 13.74 27.80
N TYR B 568 -6.49 12.81 27.36
CA TYR B 568 -5.57 13.07 26.25
C TYR B 568 -6.18 12.57 24.94
N LEU B 569 -6.37 13.48 23.98
CA LEU B 569 -6.99 13.11 22.70
C LEU B 569 -5.98 12.67 21.66
N LEU B 570 -6.14 11.46 21.16
CA LEU B 570 -5.39 10.99 20.01
C LEU B 570 -6.37 10.66 18.90
N THR B 571 -6.00 10.98 17.67
CA THR B 571 -6.84 10.69 16.51
C THR B 571 -6.08 9.76 15.57
N LEU B 572 -6.76 8.72 15.10
CA LEU B 572 -6.15 7.71 14.23
C LEU B 572 -6.93 7.54 12.93
N PRO B 573 -6.21 7.33 11.81
CA PRO B 573 -6.87 6.96 10.55
C PRO B 573 -7.34 5.53 10.67
N GLY B 574 -8.14 5.06 9.71
CA GLY B 574 -8.63 3.70 9.74
C GLY B 574 -7.50 2.67 9.82
N HIS B 575 -7.64 1.72 10.74
CA HIS B 575 -6.63 0.68 10.97
C HIS B 575 -5.24 1.22 11.33
N GLY B 576 -5.15 2.46 11.78
CA GLY B 576 -3.87 3.04 12.13
C GLY B 576 -3.40 2.65 13.54
N PHE B 577 -2.14 2.95 13.83
CA PHE B 577 -1.64 2.73 15.19
C PHE B 577 -0.52 3.73 15.45
N TYR B 578 -0.24 4.01 16.73
CA TYR B 578 0.93 4.81 17.11
C TYR B 578 1.67 4.12 18.25
N TRP B 579 2.99 4.25 18.26
CA TRP B 579 3.83 3.82 19.38
C TRP B 579 4.51 5.08 19.93
N PHE B 580 4.42 5.30 21.25
CA PHE B 580 5.10 6.45 21.86
C PHE B 580 6.02 6.02 23.00
N GLN B 581 7.20 6.64 23.09
CA GLN B 581 8.01 6.53 24.31
C GLN B 581 7.50 7.60 25.27
N LEU B 582 7.25 7.23 26.52
CA LEU B 582 6.80 8.22 27.52
C LEU B 582 8.04 8.75 28.23
N ARG B 583 8.48 9.94 27.84
CA ARG B 583 9.70 10.50 28.43
C ARG B 583 9.41 11.32 29.69
N GLU B 584 10.20 11.05 30.74
CA GLU B 584 10.09 11.80 32.00
C GLU B 584 10.44 13.27 31.76
N PRO B 585 9.66 14.18 32.36
CA PRO B 585 9.89 15.60 32.08
C PRO B 585 11.20 16.14 32.64
N ASP B 586 11.59 17.31 32.15
CA ASP B 586 12.76 18.03 32.65
C ASP B 586 12.43 18.69 33.98
N PRO B 587 13.31 18.54 34.98
CA PRO B 587 13.22 19.41 36.16
C PRO B 587 13.96 20.73 35.92
#